data_5RLV
#
_entry.id   5RLV
#
_cell.length_a   59.076
_cell.length_b   70.270
_cell.length_c   85.688
_cell.angle_alpha   102.700
_cell.angle_beta   96.470
_cell.angle_gamma   112.260
#
_symmetry.space_group_name_H-M   'P 1'
#
loop_
_entity.id
_entity.type
_entity.pdbx_description
1 polymer Helicase
2 non-polymer N-(propan-2-yl)-1H-benzimidazol-2-amine
3 non-polymer 'ZINC ION'
4 non-polymer 'PHOSPHATE ION'
5 water water
#
_entity_poly.entity_id   1
_entity_poly.type   'polypeptide(L)'
_entity_poly.pdbx_seq_one_letter_code
;AVGACVLCNSQTSLRCGACIRRPFLCCKCCYDHVISTSHKLVLSVNPYVCNAPGCDVTDVTQLYLGGMSYYCKSHKPPIS
FPLCANGQVFGLYKNTCVGSDNVTDFNAIATCDWTNAGDYILANTCTERLKLFAAETLKATEETFKLSYGIATVREVLSD
RELHLSWEVGKPRPPLNRNYVFTGYRVTKNSKVQIGEYTFEKGDYGDAVVYRGTTTYKLNVGDYFVLTSHTVMPLSAPTL
VPQEHYVRITGLYPTLNISDEFSSNVANYQKVGMQKYSTLQGPPGTGKSHFAIGLALYYPSARIVYTACSHAAVDALCEK
ALKYLPIDKCSRIIPARARVECFDKFKVNSTLEQYVFCTVNALPETTADIVVFDEISMATNYDLSVVNARLRAKHYVYIG
DPAQLPAPRTLLTKGTLEPEYFNSVCRLMKTIGPDMFLGTCRRCPAEIVDTVSALVYDNKLKAHKDKSAQCFKMFYKGVI
THDVSSAINRPQIGVVREFLTRNPAWRKAVFISPYNSQNAVASKILGLPTQTVDSSQGSEYDYVIFTQTTETAHSCNVNR
FNVAITRAKVGILCIMSDRDLYDKLQFTSLEIPRRNVATLQ
;
_entity_poly.pdbx_strand_id   A,B
#
# COMPACT_ATOMS: atom_id res chain seq x y z
N ALA A 1 -15.67 -18.65 -10.97
CA ALA A 1 -16.88 -19.40 -10.49
C ALA A 1 -16.53 -20.87 -10.21
N VAL A 2 -15.26 -21.26 -10.40
CA VAL A 2 -14.76 -22.64 -10.13
C VAL A 2 -13.67 -22.53 -9.05
N GLY A 3 -13.92 -23.10 -7.87
CA GLY A 3 -13.07 -22.96 -6.67
C GLY A 3 -13.05 -24.21 -5.81
N ALA A 4 -12.44 -24.11 -4.61
CA ALA A 4 -12.31 -25.21 -3.63
C ALA A 4 -13.36 -25.03 -2.54
N CYS A 5 -13.88 -26.15 -2.02
CA CYS A 5 -14.99 -26.24 -1.03
C CYS A 5 -14.51 -25.90 0.39
N VAL A 6 -15.02 -24.79 0.97
CA VAL A 6 -14.51 -24.20 2.25
C VAL A 6 -14.91 -25.09 3.44
N LEU A 7 -14.91 -26.41 3.30
CA LEU A 7 -15.06 -27.34 4.45
C LEU A 7 -14.18 -28.58 4.26
N CYS A 8 -14.19 -29.16 3.05
CA CYS A 8 -13.48 -30.43 2.70
C CYS A 8 -12.66 -30.28 1.39
N ASN A 9 -12.48 -29.06 0.89
CA ASN A 9 -11.55 -28.70 -0.22
C ASN A 9 -12.12 -29.12 -1.59
N SER A 10 -12.70 -30.33 -1.71
CA SER A 10 -13.29 -30.89 -2.96
C SER A 10 -13.60 -29.75 -3.92
N GLN A 11 -13.10 -29.81 -5.16
CA GLN A 11 -13.37 -28.79 -6.21
C GLN A 11 -14.89 -28.71 -6.45
N THR A 12 -15.43 -27.56 -6.86
CA THR A 12 -16.88 -27.40 -7.22
C THR A 12 -17.11 -26.08 -7.97
N SER A 13 -18.27 -25.99 -8.63
CA SER A 13 -18.85 -24.77 -9.26
C SER A 13 -19.83 -24.09 -8.29
N LEU A 14 -20.19 -24.79 -7.22
CA LEU A 14 -21.30 -24.40 -6.29
C LEU A 14 -20.78 -23.44 -5.22
N ARG A 15 -21.28 -22.19 -5.24
CA ARG A 15 -21.21 -21.21 -4.12
C ARG A 15 -22.60 -21.10 -3.48
N CYS A 16 -22.69 -20.84 -2.17
CA CYS A 16 -23.95 -20.43 -1.49
C CYS A 16 -24.20 -18.96 -1.79
N GLY A 17 -25.34 -18.62 -2.40
CA GLY A 17 -25.66 -17.23 -2.76
C GLY A 17 -26.31 -16.52 -1.59
N ALA A 18 -26.54 -17.26 -0.50
CA ALA A 18 -27.31 -16.77 0.67
C ALA A 18 -26.35 -16.41 1.81
N CYS A 19 -25.23 -17.14 1.96
CA CYS A 19 -24.02 -16.59 2.66
C CYS A 19 -23.61 -15.24 2.05
N ILE A 20 -23.18 -14.29 2.89
CA ILE A 20 -22.78 -12.90 2.47
C ILE A 20 -21.35 -12.92 1.91
N ARG A 21 -20.60 -14.01 2.12
CA ARG A 21 -19.24 -14.20 1.54
C ARG A 21 -19.28 -15.05 0.26
N ARG A 22 -20.34 -15.83 0.04
CA ARG A 22 -20.53 -16.69 -1.18
C ARG A 22 -19.42 -17.73 -1.27
N PRO A 23 -19.20 -18.52 -0.20
CA PRO A 23 -18.22 -19.60 -0.22
C PRO A 23 -18.56 -20.71 -1.22
N PHE A 24 -17.53 -21.21 -1.91
CA PHE A 24 -17.51 -22.48 -2.66
C PHE A 24 -17.88 -23.63 -1.72
N LEU A 25 -18.97 -24.34 -2.00
CA LEU A 25 -19.36 -25.59 -1.28
C LEU A 25 -19.39 -26.75 -2.27
N CYS A 26 -18.80 -27.88 -1.91
CA CYS A 26 -18.88 -29.14 -2.70
C CYS A 26 -20.33 -29.62 -2.65
N CYS A 27 -20.72 -30.44 -3.62
CA CYS A 27 -22.07 -31.03 -3.77
C CYS A 27 -22.53 -31.66 -2.46
N LYS A 28 -21.74 -32.54 -1.84
CA LYS A 28 -22.11 -33.23 -0.57
C LYS A 28 -22.36 -32.21 0.55
N CYS A 29 -21.51 -31.18 0.63
CA CYS A 29 -21.52 -30.12 1.68
C CYS A 29 -22.61 -29.06 1.37
N CYS A 30 -22.78 -28.64 0.10
CA CYS A 30 -23.81 -27.65 -0.34
C CYS A 30 -25.22 -28.17 -0.01
N TYR A 31 -25.42 -29.47 -0.08
CA TYR A 31 -26.71 -30.10 0.30
C TYR A 31 -26.94 -29.85 1.80
N ASP A 32 -26.00 -30.33 2.63
CA ASP A 32 -26.12 -30.37 4.12
C ASP A 32 -26.35 -28.96 4.65
N HIS A 33 -25.85 -27.92 3.96
CA HIS A 33 -26.14 -26.47 4.19
C HIS A 33 -27.61 -26.18 3.86
N VAL A 34 -28.02 -26.39 2.60
CA VAL A 34 -29.30 -25.80 2.06
C VAL A 34 -30.50 -26.53 2.65
N ILE A 35 -30.31 -27.75 3.14
CA ILE A 35 -31.43 -28.58 3.68
C ILE A 35 -31.57 -28.42 5.20
N SER A 36 -30.68 -27.66 5.87
CA SER A 36 -30.68 -27.42 7.34
C SER A 36 -30.68 -25.92 7.70
N THR A 37 -30.61 -25.02 6.71
CA THR A 37 -30.60 -23.56 6.92
C THR A 37 -31.66 -22.90 6.04
N SER A 38 -31.97 -21.63 6.28
CA SER A 38 -32.84 -20.81 5.41
C SER A 38 -32.15 -20.55 4.05
N HIS A 39 -30.92 -21.05 3.86
CA HIS A 39 -30.06 -20.74 2.68
C HIS A 39 -30.40 -21.71 1.53
N LYS A 40 -31.03 -21.20 0.48
CA LYS A 40 -31.59 -22.07 -0.60
C LYS A 40 -31.00 -21.66 -1.96
N LEU A 41 -30.58 -20.40 -2.14
CA LEU A 41 -29.92 -19.95 -3.40
C LEU A 41 -28.54 -20.61 -3.50
N VAL A 42 -28.34 -21.37 -4.57
CA VAL A 42 -27.03 -21.96 -4.96
C VAL A 42 -26.60 -21.27 -6.25
N LEU A 43 -25.34 -20.79 -6.32
CA LEU A 43 -24.73 -20.18 -7.53
C LEU A 43 -23.76 -21.19 -8.16
N SER A 44 -23.67 -21.17 -9.49
CA SER A 44 -22.64 -21.85 -10.34
C SER A 44 -22.14 -20.80 -11.34
N VAL A 45 -21.80 -21.22 -12.58
CA VAL A 45 -21.52 -20.29 -13.71
C VAL A 45 -22.74 -19.35 -13.83
N ASN A 46 -23.91 -19.98 -13.89
CA ASN A 46 -25.25 -19.36 -13.93
C ASN A 46 -25.96 -19.82 -12.66
N PRO A 47 -26.81 -18.96 -12.03
CA PRO A 47 -27.45 -19.33 -10.77
C PRO A 47 -28.52 -20.43 -10.96
N TYR A 48 -28.64 -21.30 -9.96
CA TYR A 48 -29.75 -22.28 -9.83
C TYR A 48 -31.05 -21.52 -9.54
N VAL A 49 -31.69 -21.09 -10.63
CA VAL A 49 -33.04 -20.48 -10.67
C VAL A 49 -33.80 -21.19 -11.81
N CYS A 50 -35.12 -21.28 -11.73
CA CYS A 50 -36.00 -21.81 -12.78
C CYS A 50 -35.77 -21.00 -14.06
N ASN A 51 -35.47 -21.64 -15.19
CA ASN A 51 -35.15 -20.90 -16.44
C ASN A 51 -36.43 -20.45 -17.15
N ALA A 52 -37.60 -20.94 -16.74
CA ALA A 52 -38.89 -20.68 -17.41
C ALA A 52 -39.23 -19.19 -17.28
N PRO A 53 -39.61 -18.48 -18.36
CA PRO A 53 -39.85 -17.05 -18.27
C PRO A 53 -40.78 -16.68 -17.11
N GLY A 54 -40.43 -15.64 -16.34
CA GLY A 54 -41.30 -14.99 -15.35
C GLY A 54 -41.52 -15.83 -14.11
N CYS A 55 -40.70 -16.85 -13.89
CA CYS A 55 -40.78 -17.76 -12.73
C CYS A 55 -39.72 -17.33 -11.72
N ASP A 56 -40.09 -17.30 -10.43
CA ASP A 56 -39.25 -16.71 -9.35
C ASP A 56 -38.82 -17.80 -8.37
N VAL A 57 -38.90 -19.09 -8.73
CA VAL A 57 -38.39 -20.22 -7.90
C VAL A 57 -36.87 -20.25 -8.01
N THR A 58 -36.17 -19.95 -6.90
CA THR A 58 -34.68 -19.91 -6.76
C THR A 58 -34.21 -20.94 -5.72
N ASP A 59 -35.13 -21.57 -4.98
CA ASP A 59 -34.80 -22.56 -3.92
C ASP A 59 -34.36 -23.84 -4.61
N VAL A 60 -33.09 -24.21 -4.43
CA VAL A 60 -32.38 -25.39 -5.01
C VAL A 60 -33.12 -26.68 -4.69
N THR A 61 -33.90 -26.71 -3.60
CA THR A 61 -34.61 -27.92 -3.11
C THR A 61 -35.87 -28.15 -3.95
N GLN A 62 -36.35 -27.10 -4.62
CA GLN A 62 -37.60 -27.08 -5.43
C GLN A 62 -37.28 -27.11 -6.93
N LEU A 63 -36.03 -27.42 -7.33
CA LEU A 63 -35.55 -27.26 -8.73
C LEU A 63 -34.98 -28.57 -9.29
N TYR A 64 -34.89 -28.66 -10.62
CA TYR A 64 -34.48 -29.85 -11.38
C TYR A 64 -33.62 -29.44 -12.58
N LEU A 65 -32.87 -30.40 -13.12
CA LEU A 65 -32.10 -30.24 -14.39
C LEU A 65 -32.91 -30.84 -15.56
N GLY A 66 -33.39 -30.00 -16.48
CA GLY A 66 -34.09 -30.39 -17.72
C GLY A 66 -33.18 -30.19 -18.92
N GLY A 67 -32.48 -31.25 -19.33
CA GLY A 67 -31.33 -31.16 -20.24
C GLY A 67 -30.17 -30.41 -19.61
N MET A 68 -29.88 -29.20 -20.11
CA MET A 68 -28.73 -28.36 -19.69
C MET A 68 -29.19 -27.29 -18.70
N SER A 69 -30.50 -27.00 -18.68
CA SER A 69 -31.15 -25.86 -17.96
C SER A 69 -31.86 -26.35 -16.70
N TYR A 70 -32.29 -25.42 -15.84
CA TYR A 70 -32.85 -25.73 -14.50
C TYR A 70 -34.27 -25.19 -14.48
N TYR A 71 -35.18 -25.93 -13.85
CA TYR A 71 -36.63 -25.60 -13.77
C TYR A 71 -37.15 -26.04 -12.39
N CYS A 72 -38.29 -25.46 -11.95
CA CYS A 72 -39.06 -25.87 -10.75
C CYS A 72 -39.97 -27.08 -11.06
N LYS A 73 -40.76 -27.52 -10.08
CA LYS A 73 -41.71 -28.67 -10.20
C LYS A 73 -42.82 -28.33 -11.22
N SER A 74 -43.19 -27.04 -11.33
CA SER A 74 -44.28 -26.50 -12.21
C SER A 74 -43.86 -26.42 -13.69
N HIS A 75 -42.55 -26.50 -14.01
CA HIS A 75 -41.95 -26.08 -15.30
C HIS A 75 -40.99 -27.14 -15.85
N LYS A 76 -40.58 -28.12 -15.04
CA LYS A 76 -39.57 -29.12 -15.47
C LYS A 76 -40.17 -29.94 -16.59
N PRO A 77 -39.34 -30.41 -17.55
CA PRO A 77 -39.80 -31.35 -18.57
C PRO A 77 -39.99 -32.72 -17.94
N PRO A 78 -40.65 -33.69 -18.62
CA PRO A 78 -40.81 -35.04 -18.06
C PRO A 78 -39.46 -35.64 -17.65
N ILE A 79 -38.46 -35.67 -18.56
CA ILE A 79 -37.12 -36.25 -18.26
C ILE A 79 -36.27 -35.14 -17.63
N SER A 80 -36.31 -35.09 -16.29
CA SER A 80 -35.66 -34.08 -15.42
C SER A 80 -35.32 -34.69 -14.05
N PHE A 81 -34.11 -34.40 -13.58
CA PHE A 81 -33.43 -34.87 -12.33
C PHE A 81 -33.56 -33.78 -11.26
N PRO A 82 -33.99 -34.08 -10.00
CA PRO A 82 -34.02 -33.06 -8.96
C PRO A 82 -32.60 -32.61 -8.58
N LEU A 83 -32.39 -31.31 -8.38
CA LEU A 83 -31.04 -30.73 -8.07
C LEU A 83 -30.59 -31.24 -6.69
N CYS A 84 -31.53 -31.45 -5.78
CA CYS A 84 -31.29 -31.97 -4.41
C CYS A 84 -31.74 -33.42 -4.30
N ALA A 85 -30.81 -34.38 -4.42
CA ALA A 85 -31.07 -35.80 -4.11
C ALA A 85 -29.80 -36.45 -3.54
N ASN A 86 -29.97 -37.61 -2.89
CA ASN A 86 -28.86 -38.46 -2.38
C ASN A 86 -27.74 -37.57 -1.80
N GLY A 87 -28.10 -36.72 -0.83
CA GLY A 87 -27.17 -35.91 -0.02
C GLY A 87 -26.30 -34.98 -0.84
N GLN A 88 -26.69 -34.67 -2.09
CA GLN A 88 -25.88 -33.85 -3.04
C GLN A 88 -26.76 -32.80 -3.73
N VAL A 89 -26.12 -31.75 -4.25
CA VAL A 89 -26.66 -30.73 -5.21
C VAL A 89 -25.86 -30.88 -6.49
N PHE A 90 -26.52 -31.11 -7.63
CA PHE A 90 -25.86 -31.28 -8.94
C PHE A 90 -24.91 -30.10 -9.17
N GLY A 91 -23.61 -30.38 -9.23
CA GLY A 91 -22.56 -29.47 -9.72
C GLY A 91 -21.44 -30.27 -10.36
N LEU A 92 -20.40 -29.61 -10.88
CA LEU A 92 -19.28 -30.28 -11.58
C LEU A 92 -18.45 -31.06 -10.55
N TYR A 93 -17.73 -32.10 -10.99
CA TYR A 93 -16.77 -32.93 -10.21
C TYR A 93 -17.50 -33.74 -9.11
N LYS A 94 -18.83 -33.91 -9.26
CA LYS A 94 -19.74 -34.55 -8.26
C LYS A 94 -19.17 -35.90 -7.80
N VAL A 103 -20.20 -29.67 9.54
CA VAL A 103 -20.94 -28.68 8.70
C VAL A 103 -22.09 -28.06 9.52
N THR A 104 -22.57 -28.72 10.58
CA THR A 104 -23.39 -28.09 11.67
C THR A 104 -22.75 -26.74 12.02
N ASP A 105 -21.48 -26.77 12.41
CA ASP A 105 -20.65 -25.59 12.77
C ASP A 105 -20.67 -24.58 11.61
N PHE A 106 -20.43 -25.02 10.37
CA PHE A 106 -20.49 -24.14 9.18
C PHE A 106 -21.86 -23.44 9.12
N ASN A 107 -22.95 -24.17 9.37
CA ASN A 107 -24.35 -23.67 9.28
C ASN A 107 -24.56 -22.53 10.28
N ALA A 108 -24.21 -22.77 11.55
CA ALA A 108 -24.30 -21.78 12.65
C ALA A 108 -23.52 -20.52 12.28
N ILE A 109 -22.30 -20.66 11.75
CA ILE A 109 -21.44 -19.51 11.37
C ILE A 109 -22.11 -18.71 10.25
N ALA A 110 -22.60 -19.40 9.21
CA ALA A 110 -23.19 -18.79 7.99
C ALA A 110 -24.45 -17.99 8.32
N THR A 111 -25.25 -18.44 9.29
CA THR A 111 -26.60 -17.88 9.61
C THR A 111 -26.62 -16.99 10.87
N CYS A 112 -25.61 -17.03 11.75
CA CYS A 112 -25.60 -16.23 13.02
C CYS A 112 -25.47 -14.73 12.69
N ASP A 113 -25.93 -13.86 13.59
CA ASP A 113 -25.91 -12.39 13.43
C ASP A 113 -24.70 -11.79 14.17
N TRP A 114 -23.99 -12.59 14.99
CA TRP A 114 -22.72 -12.23 15.70
C TRP A 114 -22.98 -11.31 16.91
N THR A 115 -24.16 -11.43 17.52
CA THR A 115 -24.64 -10.61 18.67
C THR A 115 -24.51 -11.44 19.94
N ASN A 116 -24.22 -12.73 19.78
CA ASN A 116 -24.15 -13.74 20.86
C ASN A 116 -22.69 -14.15 21.02
N ALA A 117 -22.24 -14.29 22.26
CA ALA A 117 -20.90 -14.83 22.62
C ALA A 117 -20.67 -16.16 21.92
N GLY A 118 -21.68 -17.05 21.97
CA GLY A 118 -21.60 -18.43 21.43
C GLY A 118 -21.19 -18.44 19.96
N ASP A 119 -21.50 -17.39 19.21
CA ASP A 119 -21.04 -17.18 17.82
C ASP A 119 -19.49 -17.15 17.80
N TYR A 120 -18.89 -16.38 18.72
CA TYR A 120 -17.43 -16.12 18.76
C TYR A 120 -16.75 -17.37 19.29
N ILE A 121 -17.42 -18.08 20.20
CA ILE A 121 -16.88 -19.35 20.74
C ILE A 121 -16.67 -20.31 19.58
N LEU A 122 -17.76 -20.61 18.87
CA LEU A 122 -17.77 -21.47 17.65
C LEU A 122 -16.73 -20.98 16.64
N ALA A 123 -16.61 -19.67 16.36
CA ALA A 123 -15.66 -19.11 15.36
C ALA A 123 -14.19 -19.34 15.79
N ASN A 124 -13.99 -19.99 16.94
CA ASN A 124 -12.67 -20.16 17.58
C ASN A 124 -12.48 -21.61 18.07
N THR A 125 -13.53 -22.44 18.08
CA THR A 125 -13.44 -23.89 18.40
C THR A 125 -13.57 -24.72 17.12
N CYS A 126 -13.83 -24.09 15.98
CA CYS A 126 -14.09 -24.78 14.69
C CYS A 126 -12.75 -25.15 14.03
N THR A 127 -12.79 -25.85 12.88
CA THR A 127 -11.63 -26.09 11.97
C THR A 127 -11.03 -24.75 11.56
N GLU A 128 -9.82 -24.78 10.98
CA GLU A 128 -9.00 -23.61 10.60
C GLU A 128 -9.61 -22.89 9.39
N ARG A 129 -10.14 -23.63 8.39
CA ARG A 129 -10.73 -22.96 7.21
C ARG A 129 -12.06 -22.30 7.62
N LEU A 130 -12.77 -22.88 8.59
CA LEU A 130 -14.04 -22.28 9.10
C LEU A 130 -13.73 -21.00 9.90
N LYS A 131 -12.60 -20.95 10.61
CA LYS A 131 -12.15 -19.75 11.37
C LYS A 131 -11.92 -18.59 10.40
N LEU A 132 -11.43 -18.86 9.18
CA LEU A 132 -11.25 -17.80 8.15
C LEU A 132 -12.62 -17.38 7.59
N PHE A 133 -13.53 -18.35 7.44
CA PHE A 133 -14.91 -18.12 6.93
C PHE A 133 -15.64 -17.24 7.95
N ALA A 134 -15.68 -17.74 9.18
CA ALA A 134 -16.14 -17.04 10.41
C ALA A 134 -15.62 -15.61 10.43
N ALA A 135 -14.30 -15.42 10.25
CA ALA A 135 -13.62 -14.11 10.36
C ALA A 135 -14.02 -13.16 9.22
N GLU A 136 -14.13 -13.62 7.97
CA GLU A 136 -14.56 -12.76 6.83
C GLU A 136 -16.01 -12.34 7.09
N THR A 137 -16.83 -13.32 7.49
CA THR A 137 -18.30 -13.17 7.62
C THR A 137 -18.54 -12.12 8.71
N LEU A 138 -17.95 -12.33 9.89
CA LEU A 138 -18.04 -11.39 11.03
C LEU A 138 -17.66 -9.99 10.53
N LYS A 139 -16.47 -9.84 9.96
CA LYS A 139 -15.94 -8.50 9.60
C LYS A 139 -16.87 -7.86 8.58
N ALA A 140 -17.37 -8.67 7.64
CA ALA A 140 -18.34 -8.24 6.60
C ALA A 140 -19.59 -7.74 7.31
N THR A 141 -20.13 -8.57 8.19
CA THR A 141 -21.34 -8.27 8.99
C THR A 141 -21.11 -7.01 9.84
N GLU A 142 -19.92 -6.89 10.44
CA GLU A 142 -19.54 -5.70 11.27
C GLU A 142 -19.63 -4.44 10.39
N GLU A 143 -19.21 -4.52 9.13
CA GLU A 143 -19.05 -3.35 8.21
C GLU A 143 -20.43 -2.99 7.63
N THR A 144 -21.18 -3.97 7.14
CA THR A 144 -22.57 -3.78 6.61
C THR A 144 -23.48 -3.28 7.73
N PHE A 145 -23.12 -3.51 9.01
CA PHE A 145 -23.87 -2.95 10.16
C PHE A 145 -23.60 -1.44 10.26
N LYS A 146 -22.37 -0.97 10.03
CA LYS A 146 -22.01 0.47 10.19
C LYS A 146 -23.01 1.34 9.42
N LEU A 147 -23.30 0.95 8.18
CA LEU A 147 -24.23 1.66 7.24
C LEU A 147 -25.53 2.05 7.98
N SER A 148 -25.88 1.33 9.06
CA SER A 148 -27.22 1.35 9.72
C SER A 148 -27.42 2.55 10.63
N TYR A 149 -26.36 3.27 11.01
CA TYR A 149 -26.44 4.48 11.88
C TYR A 149 -26.74 5.73 11.03
N GLY A 150 -27.01 6.86 11.71
CA GLY A 150 -27.43 8.15 11.10
C GLY A 150 -26.26 9.12 10.93
N ILE A 151 -26.38 10.02 9.94
CA ILE A 151 -25.36 11.06 9.61
C ILE A 151 -25.49 12.17 10.67
N ALA A 152 -24.42 12.95 10.89
CA ALA A 152 -24.35 14.09 11.82
C ALA A 152 -23.96 15.35 11.04
N THR A 153 -24.92 16.25 10.79
CA THR A 153 -24.72 17.51 10.05
C THR A 153 -24.41 18.59 11.09
N VAL A 154 -23.33 19.35 10.88
CA VAL A 154 -22.81 20.40 11.80
C VAL A 154 -23.77 21.61 11.79
N ARG A 155 -24.27 21.98 12.97
CA ARG A 155 -25.21 23.12 13.18
C ARG A 155 -24.41 24.41 13.42
N GLU A 156 -23.62 24.48 14.51
CA GLU A 156 -22.76 25.65 14.81
C GLU A 156 -21.42 25.19 15.41
N VAL A 157 -20.31 25.74 14.91
CA VAL A 157 -18.94 25.57 15.49
C VAL A 157 -18.77 26.66 16.55
N LEU A 158 -18.15 26.32 17.68
CA LEU A 158 -17.94 27.24 18.84
C LEU A 158 -16.46 27.64 18.91
N SER A 159 -15.56 26.65 18.99
CA SER A 159 -14.10 26.82 19.14
C SER A 159 -13.37 25.84 18.20
N ASP A 160 -12.11 25.54 18.49
CA ASP A 160 -11.25 24.58 17.73
C ASP A 160 -11.29 23.19 18.37
N ARG A 161 -12.10 23.01 19.44
CA ARG A 161 -12.34 21.69 20.08
C ARG A 161 -13.75 21.63 20.69
N GLU A 162 -14.74 22.28 20.08
CA GLU A 162 -16.18 22.18 20.45
C GLU A 162 -17.05 22.54 19.22
N LEU A 163 -18.05 21.71 18.89
CA LEU A 163 -19.14 22.07 17.92
C LEU A 163 -20.45 21.38 18.31
N HIS A 164 -21.58 21.88 17.74
CA HIS A 164 -22.97 21.39 17.95
C HIS A 164 -23.41 20.57 16.73
N LEU A 165 -23.94 19.35 16.94
CA LEU A 165 -24.26 18.38 15.84
C LEU A 165 -25.79 18.17 15.73
N SER A 166 -26.27 18.04 14.48
CA SER A 166 -27.66 17.71 14.08
C SER A 166 -27.70 16.28 13.52
N TRP A 167 -28.52 15.41 14.14
CA TRP A 167 -28.54 13.94 13.91
C TRP A 167 -29.72 13.50 13.03
N GLU A 168 -29.44 12.66 12.01
CA GLU A 168 -30.43 12.11 11.04
C GLU A 168 -31.52 11.34 11.80
N VAL A 169 -32.78 11.80 11.70
CA VAL A 169 -33.98 11.19 12.34
C VAL A 169 -34.30 9.87 11.62
N GLY A 170 -34.70 8.84 12.38
CA GLY A 170 -35.07 7.51 11.86
C GLY A 170 -33.98 6.46 12.11
N LYS A 171 -32.72 6.82 11.88
CA LYS A 171 -31.52 5.94 12.07
C LYS A 171 -30.85 6.26 13.41
N PRO A 172 -30.40 5.24 14.16
CA PRO A 172 -29.81 5.44 15.49
C PRO A 172 -28.55 6.32 15.47
N ARG A 173 -28.24 6.93 16.62
CA ARG A 173 -27.06 7.84 16.81
C ARG A 173 -25.96 7.01 17.47
N PRO A 174 -24.83 6.74 16.76
CA PRO A 174 -23.80 5.84 17.28
C PRO A 174 -23.09 6.34 18.53
N PRO A 175 -22.47 5.43 19.33
CA PRO A 175 -21.76 5.84 20.54
C PRO A 175 -20.63 6.80 20.18
N LEU A 176 -20.47 7.88 20.94
CA LEU A 176 -19.54 9.00 20.63
C LEU A 176 -18.28 8.94 21.51
N ASN A 177 -17.53 7.83 21.45
CA ASN A 177 -16.28 7.61 22.23
C ASN A 177 -15.09 7.71 21.26
N ARG A 178 -13.89 7.31 21.69
CA ARG A 178 -12.67 7.23 20.84
C ARG A 178 -12.71 5.97 19.96
N ASN A 179 -13.60 5.01 20.27
CA ASN A 179 -13.74 3.71 19.55
C ASN A 179 -14.35 3.93 18.15
N TYR A 180 -15.27 4.90 18.01
CA TYR A 180 -16.04 5.16 16.77
C TYR A 180 -15.38 6.34 16.02
N VAL A 181 -14.63 6.03 14.96
CA VAL A 181 -13.92 7.03 14.12
C VAL A 181 -14.79 7.34 12.89
N PHE A 182 -15.04 8.63 12.66
CA PHE A 182 -15.92 9.16 11.59
C PHE A 182 -15.06 9.63 10.43
N THR A 183 -15.67 9.77 9.25
CA THR A 183 -15.06 10.40 8.04
C THR A 183 -15.89 11.65 7.71
N GLY A 184 -15.24 12.81 7.62
CA GLY A 184 -15.85 14.11 7.31
C GLY A 184 -15.87 14.35 5.82
N TYR A 185 -16.73 15.28 5.36
CA TYR A 185 -17.05 15.52 3.92
C TYR A 185 -17.52 16.97 3.73
N GLN A 194 -14.32 15.47 1.28
CA GLN A 194 -13.39 14.48 1.89
C GLN A 194 -12.38 15.22 2.79
N ILE A 195 -12.67 15.37 4.08
CA ILE A 195 -11.86 16.21 5.02
C ILE A 195 -11.33 15.34 6.18
N GLY A 196 -10.79 14.16 5.87
CA GLY A 196 -10.00 13.33 6.81
C GLY A 196 -10.80 12.89 8.02
N GLU A 197 -10.36 11.80 8.66
CA GLU A 197 -11.06 11.11 9.79
C GLU A 197 -11.26 12.10 10.95
N TYR A 198 -12.30 11.89 11.77
CA TYR A 198 -12.68 12.75 12.93
C TYR A 198 -13.25 11.89 14.05
N THR A 199 -13.10 12.31 15.32
CA THR A 199 -13.66 11.65 16.54
C THR A 199 -14.40 12.69 17.40
N PHE A 200 -15.18 12.20 18.38
CA PHE A 200 -16.11 13.02 19.22
C PHE A 200 -16.11 12.52 20.68
N GLU A 201 -16.27 13.46 21.63
CA GLU A 201 -16.42 13.22 23.10
C GLU A 201 -17.44 14.21 23.67
N LYS A 202 -18.36 13.75 24.53
CA LYS A 202 -19.39 14.60 25.19
C LYS A 202 -18.75 15.37 26.35
N ASP A 207 -25.55 20.23 25.33
CA ASP A 207 -25.15 19.92 23.92
C ASP A 207 -23.75 20.45 23.65
N ALA A 208 -22.75 20.11 24.48
CA ALA A 208 -21.36 20.58 24.40
C ALA A 208 -20.41 19.42 24.09
N VAL A 209 -20.25 19.08 22.79
CA VAL A 209 -19.47 17.91 22.28
C VAL A 209 -18.12 18.40 21.73
N VAL A 210 -17.07 17.59 21.91
CA VAL A 210 -15.64 17.91 21.61
C VAL A 210 -15.21 17.16 20.34
N TYR A 211 -14.78 17.89 19.29
CA TYR A 211 -14.48 17.37 17.93
C TYR A 211 -12.95 17.32 17.73
N ARG A 212 -12.41 16.12 17.49
CA ARG A 212 -10.95 15.85 17.38
C ARG A 212 -10.61 15.41 15.95
N GLY A 213 -10.28 16.36 15.06
CA GLY A 213 -10.05 16.14 13.63
C GLY A 213 -8.63 15.70 13.32
N THR A 214 -8.46 14.44 12.89
CA THR A 214 -7.13 13.81 12.58
C THR A 214 -6.33 14.74 11.65
N THR A 215 -6.99 15.24 10.59
CA THR A 215 -6.48 16.32 9.71
C THR A 215 -7.09 17.64 10.22
N THR A 216 -6.25 18.66 10.50
CA THR A 216 -6.69 19.97 11.05
C THR A 216 -7.40 20.75 9.93
N TYR A 217 -8.62 21.23 10.19
CA TYR A 217 -9.48 21.94 9.21
C TYR A 217 -10.61 22.66 9.95
N LYS A 218 -10.77 23.97 9.70
CA LYS A 218 -11.76 24.85 10.37
C LYS A 218 -13.17 24.33 10.04
N LEU A 219 -13.73 23.49 10.91
CA LEU A 219 -14.96 22.66 10.70
C LEU A 219 -16.08 23.49 10.04
N ASN A 220 -16.37 23.21 8.75
CA ASN A 220 -17.42 23.88 7.92
C ASN A 220 -18.80 23.58 8.50
N VAL A 221 -19.65 24.62 8.63
CA VAL A 221 -21.10 24.48 8.97
C VAL A 221 -21.83 23.95 7.74
N GLY A 222 -22.59 22.85 7.89
CA GLY A 222 -23.27 22.15 6.79
C GLY A 222 -22.53 20.88 6.38
N ASP A 223 -21.21 20.83 6.56
CA ASP A 223 -20.42 19.59 6.33
C ASP A 223 -20.94 18.50 7.28
N TYR A 224 -20.80 17.24 6.88
CA TYR A 224 -21.41 16.05 7.54
C TYR A 224 -20.32 14.99 7.77
N PHE A 225 -20.53 14.08 8.73
CA PHE A 225 -19.62 12.96 9.06
C PHE A 225 -20.33 11.63 8.80
N VAL A 226 -19.57 10.56 8.53
CA VAL A 226 -20.06 9.16 8.35
C VAL A 226 -18.99 8.18 8.86
N LEU A 227 -19.40 7.07 9.50
CA LEU A 227 -18.49 6.02 10.03
C LEU A 227 -17.82 5.27 8.89
N THR A 228 -16.50 5.41 8.77
CA THR A 228 -15.64 4.76 7.75
C THR A 228 -15.98 3.26 7.64
N SER A 229 -16.64 2.87 6.55
CA SER A 229 -16.91 1.45 6.17
C SER A 229 -15.89 1.02 5.11
N HIS A 230 -15.00 0.07 5.44
CA HIS A 230 -13.94 -0.45 4.53
C HIS A 230 -14.27 -1.88 4.09
N THR A 231 -14.26 -2.12 2.77
CA THR A 231 -14.50 -3.42 2.08
C THR A 231 -13.63 -4.51 2.72
N VAL A 232 -14.27 -5.60 3.14
CA VAL A 232 -13.62 -6.78 3.78
C VAL A 232 -13.06 -7.67 2.67
N MET A 233 -11.73 -7.72 2.55
CA MET A 233 -11.01 -8.59 1.59
C MET A 233 -11.10 -10.04 2.06
N PRO A 234 -11.03 -11.02 1.14
CA PRO A 234 -10.94 -12.42 1.53
C PRO A 234 -9.66 -12.79 2.30
N LEU A 235 -9.69 -13.92 3.00
CA LEU A 235 -8.59 -14.48 3.82
C LEU A 235 -8.12 -15.77 3.16
N SER A 236 -6.84 -15.85 2.80
CA SER A 236 -6.18 -17.05 2.20
C SER A 236 -5.39 -17.81 3.27
N ALA A 237 -4.58 -17.08 4.05
CA ALA A 237 -3.62 -17.65 5.02
C ALA A 237 -4.35 -18.11 6.28
N PRO A 238 -3.89 -19.18 6.96
CA PRO A 238 -4.48 -19.59 8.23
C PRO A 238 -4.22 -18.53 9.33
N THR A 239 -4.97 -18.60 10.44
CA THR A 239 -4.74 -17.75 11.64
C THR A 239 -3.31 -18.02 12.13
N LEU A 240 -3.02 -19.30 12.31
CA LEU A 240 -1.76 -19.92 12.78
C LEU A 240 -1.28 -20.90 11.70
N VAL A 241 -0.11 -20.68 11.11
CA VAL A 241 0.58 -21.72 10.27
C VAL A 241 0.74 -22.99 11.12
N PRO A 242 0.90 -24.19 10.50
CA PRO A 242 0.99 -25.43 11.28
C PRO A 242 2.26 -25.37 12.13
N GLN A 243 2.29 -26.06 13.29
CA GLN A 243 3.42 -25.98 14.25
C GLN A 243 4.55 -26.90 13.81
N GLU A 244 5.76 -26.34 13.60
CA GLU A 244 6.99 -27.11 13.38
C GLU A 244 7.90 -27.01 14.61
N HIS A 245 8.35 -28.16 15.12
CA HIS A 245 9.41 -28.30 16.15
C HIS A 245 10.71 -28.80 15.51
N TYR A 246 11.83 -28.13 15.81
CA TYR A 246 13.17 -28.45 15.27
C TYR A 246 14.03 -28.94 16.45
N VAL A 247 15.13 -29.62 16.13
CA VAL A 247 16.14 -30.17 17.10
C VAL A 247 17.25 -29.13 17.25
N ARG A 248 17.49 -28.33 16.22
CA ARG A 248 18.51 -27.25 16.18
C ARG A 248 17.80 -25.93 15.83
N ILE A 249 18.32 -24.82 16.34
CA ILE A 249 17.94 -23.42 15.97
C ILE A 249 18.07 -23.30 14.44
N THR A 250 16.96 -23.00 13.76
CA THR A 250 16.83 -23.08 12.29
C THR A 250 16.83 -21.65 11.72
N GLY A 251 17.73 -21.37 10.77
CA GLY A 251 17.77 -20.11 10.00
C GLY A 251 18.15 -18.88 10.81
N LEU A 252 18.53 -19.03 12.07
CA LEU A 252 18.95 -17.89 12.95
C LEU A 252 20.34 -18.20 13.51
N TYR A 253 21.14 -17.16 13.74
CA TYR A 253 22.54 -17.26 14.25
C TYR A 253 22.69 -16.51 15.58
N PRO A 254 22.70 -17.25 16.72
CA PRO A 254 22.84 -16.64 18.05
C PRO A 254 24.21 -15.97 18.24
N THR A 255 24.27 -14.86 19.00
CA THR A 255 25.54 -14.35 19.61
C THR A 255 25.88 -15.26 20.80
N LEU A 256 27.17 -15.28 21.18
CA LEU A 256 27.68 -15.98 22.39
C LEU A 256 27.97 -14.93 23.46
N ASN A 257 28.51 -13.77 23.02
CA ASN A 257 28.47 -12.49 23.78
C ASN A 257 27.03 -11.96 23.72
N ILE A 258 26.22 -12.20 24.77
CA ILE A 258 24.81 -11.68 24.88
C ILE A 258 24.70 -10.83 26.16
N SER A 259 24.49 -9.53 25.99
CA SER A 259 24.41 -8.49 27.06
C SER A 259 23.58 -9.02 28.23
N ASP A 260 24.12 -8.98 29.46
CA ASP A 260 23.54 -9.58 30.69
C ASP A 260 22.08 -9.15 30.86
N GLU A 261 21.73 -7.91 30.45
CA GLU A 261 20.36 -7.33 30.53
C GLU A 261 19.30 -8.32 30.03
N PHE A 262 19.66 -9.11 29.01
CA PHE A 262 18.78 -10.04 28.25
C PHE A 262 19.15 -11.51 28.53
N SER A 263 19.93 -11.80 29.58
CA SER A 263 20.39 -13.16 29.96
C SER A 263 19.22 -14.02 30.48
N SER A 264 18.20 -13.41 31.10
CA SER A 264 17.00 -14.13 31.59
C SER A 264 16.36 -14.88 30.40
N ASN A 265 16.33 -14.24 29.22
CA ASN A 265 15.51 -14.64 28.04
C ASN A 265 16.27 -15.55 27.07
N VAL A 266 17.44 -16.09 27.44
CA VAL A 266 18.30 -16.83 26.47
C VAL A 266 17.61 -18.15 26.15
N ALA A 267 17.20 -18.90 27.17
CA ALA A 267 16.59 -20.25 26.99
C ALA A 267 15.26 -20.13 26.23
N ASN A 268 14.54 -19.01 26.38
CA ASN A 268 13.30 -18.72 25.62
C ASN A 268 13.64 -18.31 24.19
N TYR A 269 14.72 -17.54 24.01
CA TYR A 269 15.20 -17.11 22.68
C TYR A 269 15.63 -18.32 21.85
N GLN A 270 16.16 -19.37 22.49
CA GLN A 270 16.58 -20.63 21.82
C GLN A 270 15.34 -21.46 21.50
N LYS A 271 14.30 -21.42 22.35
CA LYS A 271 12.96 -22.01 22.07
C LYS A 271 12.39 -21.39 20.78
N VAL A 272 12.38 -20.05 20.69
CA VAL A 272 11.88 -19.27 19.53
C VAL A 272 12.49 -19.82 18.24
N GLY A 273 13.80 -20.15 18.25
CA GLY A 273 14.58 -20.63 17.09
C GLY A 273 14.35 -22.11 16.79
N MET A 274 13.84 -22.90 17.73
CA MET A 274 13.58 -24.36 17.58
C MET A 274 12.07 -24.66 17.49
N GLN A 275 11.28 -23.70 16.99
CA GLN A 275 9.84 -23.87 16.67
C GLN A 275 9.48 -22.92 15.52
N LYS A 276 8.42 -23.21 14.78
CA LYS A 276 7.89 -22.31 13.71
C LYS A 276 7.34 -21.05 14.39
N TYR A 277 6.35 -21.22 15.27
CA TYR A 277 5.76 -20.10 16.05
C TYR A 277 5.86 -20.45 17.53
N SER A 278 5.95 -19.40 18.34
CA SER A 278 5.95 -19.47 19.83
C SER A 278 4.98 -18.44 20.41
N THR A 279 4.32 -18.82 21.53
CA THR A 279 3.42 -17.96 22.35
C THR A 279 4.14 -17.49 23.62
N LEU A 280 4.16 -16.18 23.85
CA LEU A 280 4.65 -15.59 25.14
C LEU A 280 3.51 -14.89 25.92
N GLN A 281 3.18 -15.43 27.09
CA GLN A 281 2.29 -14.76 28.07
C GLN A 281 3.17 -13.94 29.02
N GLY A 282 3.08 -12.62 28.89
CA GLY A 282 3.71 -11.67 29.82
C GLY A 282 2.68 -10.79 30.51
N PRO A 283 2.24 -11.14 31.74
CA PRO A 283 1.49 -10.25 32.64
C PRO A 283 2.07 -8.85 32.63
N PRO A 284 1.31 -7.83 33.09
CA PRO A 284 1.76 -6.45 32.97
C PRO A 284 3.13 -6.29 33.64
N GLY A 285 4.06 -5.62 32.94
CA GLY A 285 5.36 -5.14 33.46
C GLY A 285 6.33 -6.28 33.71
N THR A 286 6.26 -7.34 32.90
CA THR A 286 7.09 -8.56 33.08
C THR A 286 8.20 -8.58 32.03
N GLY A 287 8.31 -7.54 31.20
CA GLY A 287 9.38 -7.43 30.19
C GLY A 287 9.01 -8.09 28.86
N LYS A 288 7.82 -7.80 28.34
CA LYS A 288 7.40 -8.23 26.97
C LYS A 288 8.22 -7.46 25.93
N SER A 289 8.26 -6.14 25.99
CA SER A 289 8.97 -5.34 24.97
C SER A 289 10.47 -5.61 25.11
N HIS A 290 10.94 -5.77 26.35
CA HIS A 290 12.35 -6.13 26.65
C HIS A 290 12.69 -7.42 25.92
N PHE A 291 11.82 -8.43 26.03
CA PHE A 291 11.97 -9.72 25.33
C PHE A 291 11.98 -9.55 23.80
N ALA A 292 11.00 -8.83 23.26
CA ALA A 292 10.84 -8.64 21.80
C ALA A 292 12.09 -7.97 21.22
N ILE A 293 12.62 -6.93 21.87
CA ILE A 293 13.86 -6.20 21.44
C ILE A 293 15.07 -7.06 21.80
N GLY A 294 15.03 -7.78 22.93
CA GLY A 294 16.12 -8.70 23.34
C GLY A 294 16.35 -9.83 22.34
N LEU A 295 15.39 -10.06 21.45
CA LEU A 295 15.40 -11.17 20.46
C LEU A 295 16.33 -10.79 19.30
N ALA A 296 16.32 -9.50 18.94
CA ALA A 296 17.15 -8.89 17.86
C ALA A 296 18.64 -8.91 18.28
N LEU A 297 18.94 -8.63 19.56
CA LEU A 297 20.33 -8.61 20.10
C LEU A 297 20.85 -10.05 20.20
N TYR A 298 19.99 -11.03 20.42
CA TYR A 298 20.38 -12.47 20.45
C TYR A 298 20.55 -13.05 19.04
N TYR A 299 19.67 -12.72 18.10
CA TYR A 299 19.82 -13.07 16.66
C TYR A 299 20.11 -11.80 15.89
N PRO A 300 21.34 -11.24 16.04
CA PRO A 300 21.65 -9.87 15.61
C PRO A 300 21.74 -9.66 14.09
N SER A 301 21.82 -10.76 13.32
CA SER A 301 21.81 -10.78 11.83
C SER A 301 20.35 -10.78 11.34
N ALA A 302 19.48 -11.50 12.07
CA ALA A 302 18.08 -11.80 11.68
C ALA A 302 17.32 -10.51 11.35
N ARG A 303 16.60 -10.50 10.23
CA ARG A 303 15.64 -9.45 9.83
C ARG A 303 14.32 -9.70 10.61
N ILE A 304 13.85 -8.71 11.34
CA ILE A 304 12.66 -8.85 12.21
C ILE A 304 11.64 -7.78 11.80
N VAL A 305 10.38 -8.22 11.70
CA VAL A 305 9.22 -7.31 11.52
C VAL A 305 8.41 -7.36 12.82
N TYR A 306 8.26 -6.18 13.41
CA TYR A 306 7.53 -5.94 14.68
C TYR A 306 6.16 -5.37 14.29
N THR A 307 5.10 -6.10 14.63
CA THR A 307 3.70 -5.78 14.24
C THR A 307 2.78 -5.95 15.46
N ALA A 308 1.73 -5.12 15.51
CA ALA A 308 0.58 -5.14 16.45
C ALA A 308 -0.56 -4.39 15.77
N CYS A 309 -1.79 -4.57 16.25
CA CYS A 309 -3.01 -3.98 15.62
C CYS A 309 -2.96 -2.45 15.72
N SER A 310 -2.55 -1.89 16.87
CA SER A 310 -2.63 -0.42 17.12
C SER A 310 -1.27 0.29 16.90
N HIS A 311 -1.35 1.57 16.52
CA HIS A 311 -0.19 2.49 16.38
C HIS A 311 0.55 2.62 17.72
N ALA A 312 -0.18 2.63 18.84
CA ALA A 312 0.42 2.80 20.19
C ALA A 312 1.24 1.55 20.55
N ALA A 313 0.77 0.35 20.22
CA ALA A 313 1.51 -0.91 20.47
C ALA A 313 2.81 -0.89 19.67
N VAL A 314 2.77 -0.47 18.39
CA VAL A 314 3.93 -0.49 17.45
C VAL A 314 4.94 0.59 17.90
N ASP A 315 4.46 1.77 18.32
CA ASP A 315 5.24 2.95 18.81
C ASP A 315 5.95 2.66 20.14
N ALA A 316 5.36 1.86 21.02
CA ALA A 316 6.02 1.35 22.24
C ALA A 316 7.16 0.39 21.84
N LEU A 317 6.96 -0.48 20.85
CA LEU A 317 8.06 -1.40 20.41
C LEU A 317 9.19 -0.56 19.80
N CYS A 318 8.85 0.61 19.21
CA CYS A 318 9.83 1.55 18.59
C CYS A 318 10.67 2.21 19.70
N GLU A 319 10.02 2.74 20.74
CA GLU A 319 10.68 3.34 21.92
C GLU A 319 11.72 2.36 22.47
N LYS A 320 11.34 1.09 22.67
CA LYS A 320 12.29 0.09 23.20
C LYS A 320 13.43 -0.13 22.18
N ALA A 321 13.15 -0.14 20.87
CA ALA A 321 14.17 -0.43 19.83
C ALA A 321 15.19 0.73 19.79
N LEU A 322 14.72 1.97 19.83
CA LEU A 322 15.57 3.18 19.90
C LEU A 322 16.62 3.04 21.03
N LYS A 323 16.29 2.41 22.15
CA LYS A 323 17.20 2.31 23.32
C LYS A 323 18.28 1.27 23.05
N TYR A 324 17.99 0.17 22.33
CA TYR A 324 18.84 -1.05 22.34
C TYR A 324 19.25 -1.50 20.94
N LEU A 325 18.74 -0.88 19.87
CA LEU A 325 19.05 -1.31 18.47
C LEU A 325 19.51 -0.10 17.66
N PRO A 326 20.43 -0.32 16.67
CA PRO A 326 20.92 0.77 15.83
C PRO A 326 19.84 1.40 14.93
N ILE A 327 19.62 2.69 15.09
CA ILE A 327 18.55 3.54 14.48
C ILE A 327 18.58 3.52 12.93
N ASP A 328 19.71 3.19 12.30
CA ASP A 328 19.84 3.23 10.83
C ASP A 328 19.25 1.95 10.21
N LYS A 329 19.09 0.86 10.98
CA LYS A 329 18.48 -0.40 10.47
C LYS A 329 17.02 -0.53 10.96
N CYS A 330 16.41 0.57 11.43
CA CYS A 330 15.00 0.62 11.92
C CYS A 330 14.15 1.51 11.00
N SER A 331 13.01 0.97 10.53
CA SER A 331 11.98 1.75 9.79
C SER A 331 10.61 1.62 10.46
N ARG A 332 9.94 2.75 10.71
CA ARG A 332 8.50 2.83 11.11
C ARG A 332 7.64 3.00 9.84
N ILE A 333 6.86 1.99 9.47
CA ILE A 333 5.95 1.98 8.28
C ILE A 333 4.67 2.73 8.67
N ILE A 334 4.33 3.77 7.91
CA ILE A 334 3.12 4.62 8.15
C ILE A 334 2.23 4.52 6.91
N PRO A 335 0.94 4.16 7.05
CA PRO A 335 0.02 4.16 5.91
C PRO A 335 -0.21 5.60 5.44
N ALA A 336 -0.23 5.79 4.12
CA ALA A 336 -0.44 7.09 3.41
C ALA A 336 -1.70 7.79 3.95
N ARG A 337 -2.75 7.04 4.30
CA ARG A 337 -3.95 7.56 5.01
C ARG A 337 -3.61 7.65 6.50
N ALA A 338 -2.84 8.67 6.89
CA ALA A 338 -2.34 8.91 8.27
C ALA A 338 -3.53 9.29 9.17
N ARG A 339 -3.87 8.41 10.13
CA ARG A 339 -5.08 8.47 10.99
C ARG A 339 -4.75 9.10 12.36
N VAL A 340 -3.52 8.90 12.87
CA VAL A 340 -3.01 9.53 14.12
C VAL A 340 -1.54 9.93 13.89
N GLU A 341 -0.96 10.67 14.85
CA GLU A 341 0.49 10.87 15.02
C GLU A 341 1.10 9.55 15.53
N CYS A 342 2.31 9.21 15.10
CA CYS A 342 3.08 8.05 15.61
C CYS A 342 4.60 8.24 15.39
N PHE A 343 5.38 7.20 15.66
CA PHE A 343 6.82 7.28 15.99
C PHE A 343 7.61 7.94 14.85
N ASP A 344 8.41 8.98 15.17
CA ASP A 344 9.13 9.85 14.17
C ASP A 344 10.64 9.55 14.11
N LYS A 345 11.26 9.03 15.17
CA LYS A 345 12.74 8.93 15.30
C LYS A 345 13.35 7.79 14.46
N PHE A 346 12.57 7.08 13.64
CA PHE A 346 13.16 6.14 12.64
C PHE A 346 13.01 6.75 11.24
N LYS A 347 13.70 6.18 10.25
CA LYS A 347 13.42 6.39 8.80
C LYS A 347 12.01 5.85 8.53
N VAL A 348 11.14 6.67 7.93
CA VAL A 348 9.72 6.33 7.59
C VAL A 348 9.66 5.63 6.23
N ASN A 349 9.01 4.45 6.17
CA ASN A 349 8.46 3.79 4.97
C ASN A 349 9.58 3.13 4.16
N SER A 350 10.75 2.92 4.78
CA SER A 350 11.82 2.03 4.26
C SER A 350 11.46 0.59 4.64
N THR A 351 10.74 -0.08 3.73
CA THR A 351 10.29 -1.50 3.77
C THR A 351 11.47 -2.46 3.96
N LEU A 352 12.70 -2.03 3.65
CA LEU A 352 13.84 -2.97 3.42
C LEU A 352 14.82 -2.95 4.60
N GLU A 353 14.58 -2.12 5.62
CA GLU A 353 15.46 -2.04 6.82
C GLU A 353 15.40 -3.38 7.56
N GLN A 354 16.44 -3.73 8.33
CA GLN A 354 16.52 -5.00 9.11
C GLN A 354 15.36 -5.07 10.13
N TYR A 355 15.00 -3.91 10.70
CA TYR A 355 13.95 -3.73 11.72
C TYR A 355 12.83 -2.88 11.11
N VAL A 356 11.65 -3.48 11.01
CA VAL A 356 10.42 -2.88 10.43
C VAL A 356 9.33 -2.89 11.50
N PHE A 357 8.81 -1.70 11.82
CA PHE A 357 7.78 -1.45 12.86
C PHE A 357 6.53 -0.92 12.14
N CYS A 358 5.46 -1.72 12.16
CA CYS A 358 4.26 -1.53 11.31
C CYS A 358 3.01 -2.18 11.91
N THR A 359 1.92 -1.39 11.99
CA THR A 359 0.57 -1.91 12.33
C THR A 359 0.13 -2.95 11.27
N VAL A 360 -0.50 -4.04 11.71
CA VAL A 360 -1.00 -5.17 10.85
C VAL A 360 -1.67 -4.64 9.56
N ASN A 361 -2.48 -3.57 9.65
CA ASN A 361 -3.32 -3.08 8.53
C ASN A 361 -2.43 -2.55 7.41
N ALA A 362 -1.24 -2.03 7.75
CA ALA A 362 -0.32 -1.33 6.82
C ALA A 362 0.86 -2.21 6.39
N LEU A 363 0.93 -3.48 6.82
CA LEU A 363 2.08 -4.37 6.53
C LEU A 363 2.32 -4.42 5.03
N PRO A 364 3.58 -4.40 4.57
CA PRO A 364 3.89 -4.75 3.19
C PRO A 364 3.86 -6.27 3.04
N GLU A 365 3.99 -6.72 1.80
CA GLU A 365 4.27 -8.13 1.48
C GLU A 365 5.77 -8.31 1.54
N THR A 366 6.27 -9.02 2.55
CA THR A 366 7.71 -9.16 2.82
C THR A 366 8.02 -10.55 3.37
N THR A 367 9.31 -10.84 3.51
CA THR A 367 9.85 -12.04 4.17
C THR A 367 10.60 -11.56 5.41
N ALA A 368 10.81 -12.47 6.36
CA ALA A 368 11.46 -12.17 7.65
C ALA A 368 11.99 -13.46 8.25
N ASP A 369 13.12 -13.34 8.94
CA ASP A 369 13.68 -14.46 9.76
C ASP A 369 12.73 -14.63 10.94
N ILE A 370 12.38 -13.51 11.58
CA ILE A 370 11.42 -13.46 12.73
C ILE A 370 10.36 -12.38 12.47
N VAL A 371 9.10 -12.74 12.72
CA VAL A 371 7.98 -11.77 12.95
C VAL A 371 7.60 -11.85 14.43
N VAL A 372 7.59 -10.68 15.09
CA VAL A 372 7.06 -10.52 16.47
C VAL A 372 5.71 -9.80 16.34
N PHE A 373 4.65 -10.52 16.70
CA PHE A 373 3.27 -9.98 16.86
C PHE A 373 3.05 -9.72 18.35
N ASP A 374 2.93 -8.45 18.72
CA ASP A 374 2.73 -7.96 20.11
C ASP A 374 1.26 -7.58 20.33
N GLU A 375 0.87 -7.45 21.61
CA GLU A 375 -0.49 -7.14 22.14
C GLU A 375 -1.50 -8.13 21.52
N ILE A 376 -1.25 -9.42 21.70
CA ILE A 376 -1.97 -10.48 20.95
C ILE A 376 -3.39 -10.60 21.48
N SER A 377 -3.71 -10.14 22.69
CA SER A 377 -5.09 -10.28 23.21
C SER A 377 -6.00 -9.35 22.39
N MET A 378 -5.47 -8.26 21.83
CA MET A 378 -6.21 -7.28 21.00
C MET A 378 -6.35 -7.77 19.55
N ALA A 379 -5.75 -8.88 19.16
CA ALA A 379 -5.78 -9.39 17.77
C ALA A 379 -7.07 -10.18 17.54
N THR A 380 -7.73 -9.96 16.40
CA THR A 380 -8.87 -10.80 15.88
C THR A 380 -8.26 -11.91 15.02
N ASN A 381 -9.03 -12.96 14.76
CA ASN A 381 -8.61 -14.05 13.83
C ASN A 381 -8.36 -13.48 12.43
N TYR A 382 -9.16 -12.50 12.01
CA TYR A 382 -8.93 -11.70 10.78
C TYR A 382 -7.48 -11.20 10.76
N ASP A 383 -7.07 -10.46 11.81
CA ASP A 383 -5.69 -9.93 11.99
C ASP A 383 -4.65 -11.06 11.93
N LEU A 384 -4.83 -12.14 12.68
CA LEU A 384 -3.91 -13.32 12.69
C LEU A 384 -3.72 -13.86 11.27
N SER A 385 -4.77 -13.85 10.45
CA SER A 385 -4.71 -14.37 9.06
C SER A 385 -3.89 -13.41 8.19
N VAL A 386 -4.26 -12.12 8.19
CA VAL A 386 -3.61 -11.05 7.38
C VAL A 386 -2.10 -11.09 7.60
N VAL A 387 -1.65 -11.36 8.82
CA VAL A 387 -0.20 -11.34 9.16
C VAL A 387 0.46 -12.52 8.43
N ASN A 388 -0.13 -13.71 8.49
CA ASN A 388 0.42 -14.90 7.78
C ASN A 388 0.44 -14.65 6.26
N ALA A 389 -0.45 -13.76 5.77
CA ALA A 389 -0.66 -13.42 4.34
C ALA A 389 0.34 -12.37 3.86
N ARG A 390 0.80 -11.47 4.74
CA ARG A 390 1.68 -10.33 4.41
C ARG A 390 3.15 -10.69 4.72
N LEU A 391 3.38 -11.49 5.77
CA LEU A 391 4.73 -11.80 6.29
C LEU A 391 4.98 -13.30 6.12
N ARG A 392 6.07 -13.62 5.41
CA ARG A 392 6.59 -15.00 5.19
C ARG A 392 7.91 -15.13 5.94
N ALA A 393 7.89 -15.85 7.08
CA ALA A 393 8.94 -15.79 8.12
C ALA A 393 9.41 -17.18 8.55
N LYS A 394 10.68 -17.29 8.94
CA LYS A 394 11.22 -18.58 9.47
C LYS A 394 10.52 -18.85 10.81
N HIS A 395 10.37 -17.80 11.63
CA HIS A 395 9.76 -17.85 12.99
C HIS A 395 8.74 -16.70 13.22
N TYR A 396 7.58 -17.05 13.78
CA TYR A 396 6.52 -16.12 14.27
C TYR A 396 6.53 -16.15 15.81
N VAL A 397 6.67 -14.98 16.45
CA VAL A 397 6.53 -14.88 17.94
C VAL A 397 5.30 -14.05 18.29
N TYR A 398 4.42 -14.65 19.11
CA TYR A 398 3.11 -14.10 19.55
C TYR A 398 3.25 -13.69 21.01
N ILE A 399 3.30 -12.39 21.23
CA ILE A 399 3.43 -11.80 22.59
C ILE A 399 2.14 -11.09 23.02
N GLY A 400 1.60 -11.49 24.17
CA GLY A 400 0.65 -10.67 24.94
C GLY A 400 0.19 -11.43 26.16
N ASP A 401 -1.07 -11.26 26.53
CA ASP A 401 -1.61 -11.80 27.81
C ASP A 401 -3.10 -11.96 27.64
N PRO A 402 -3.63 -13.19 27.77
CA PRO A 402 -5.06 -13.40 27.66
C PRO A 402 -5.82 -12.87 28.88
N ALA A 403 -5.13 -12.48 29.95
CA ALA A 403 -5.73 -11.83 31.14
C ALA A 403 -5.86 -10.32 30.92
N GLN A 404 -5.47 -9.82 29.75
CA GLN A 404 -5.68 -8.41 29.36
C GLN A 404 -6.81 -8.32 28.32
N LEU A 405 -7.02 -7.13 27.78
CA LEU A 405 -8.29 -6.81 27.08
C LEU A 405 -8.27 -7.29 25.62
N PRO A 406 -9.43 -7.81 25.14
CA PRO A 406 -9.59 -8.17 23.74
C PRO A 406 -9.99 -6.93 22.92
N ALA A 407 -9.96 -7.07 21.58
CA ALA A 407 -10.50 -6.05 20.67
C ALA A 407 -12.01 -5.97 20.90
N PRO A 408 -12.60 -4.77 20.88
CA PRO A 408 -14.03 -4.64 21.06
C PRO A 408 -14.76 -5.33 19.88
N ARG A 409 -15.73 -6.18 20.21
CA ARG A 409 -16.69 -6.80 19.26
C ARG A 409 -17.95 -5.94 19.23
N THR A 410 -18.04 -5.00 18.29
CA THR A 410 -19.13 -4.01 18.25
C THR A 410 -20.49 -4.70 18.12
N LEU A 411 -20.58 -5.91 17.54
CA LEU A 411 -21.90 -6.56 17.33
C LEU A 411 -22.34 -7.35 18.57
N LEU A 412 -21.37 -7.89 19.31
CA LEU A 412 -21.63 -8.73 20.51
C LEU A 412 -22.31 -7.87 21.57
N THR A 413 -23.54 -8.24 21.94
CA THR A 413 -24.35 -7.57 22.98
C THR A 413 -24.85 -8.60 23.99
N LYS A 414 -24.79 -9.90 23.69
CA LYS A 414 -25.30 -10.95 24.62
C LYS A 414 -24.18 -11.94 24.98
N GLY A 415 -23.90 -12.10 26.26
CA GLY A 415 -22.87 -13.05 26.73
C GLY A 415 -21.51 -12.38 26.77
N THR A 416 -20.59 -12.95 27.55
CA THR A 416 -19.22 -12.42 27.75
C THR A 416 -18.26 -13.36 27.01
N LEU A 417 -17.41 -12.76 26.18
CA LEU A 417 -16.34 -13.45 25.43
C LEU A 417 -15.18 -13.75 26.36
N GLU A 418 -15.04 -15.00 26.77
CA GLU A 418 -13.92 -15.49 27.63
C GLU A 418 -12.60 -15.41 26.88
N PRO A 419 -11.46 -15.27 27.61
CA PRO A 419 -10.12 -15.16 26.99
C PRO A 419 -9.74 -16.26 25.99
N GLU A 420 -10.13 -17.50 26.26
CA GLU A 420 -9.87 -18.67 25.39
C GLU A 420 -10.59 -18.55 24.04
N TYR A 421 -11.46 -17.56 23.84
CA TYR A 421 -12.18 -17.35 22.56
C TYR A 421 -11.77 -16.03 21.88
N PHE A 422 -10.75 -15.35 22.42
CA PHE A 422 -10.29 -14.03 21.92
C PHE A 422 -9.75 -14.21 20.50
N ASN A 423 -8.88 -15.19 20.30
CA ASN A 423 -8.26 -15.53 18.98
C ASN A 423 -7.59 -16.88 19.16
N SER A 424 -6.98 -17.43 18.10
CA SER A 424 -6.40 -18.81 18.10
C SER A 424 -5.20 -18.89 19.06
N VAL A 425 -4.42 -17.82 19.10
CA VAL A 425 -3.23 -17.70 20.00
C VAL A 425 -3.71 -17.76 21.46
N CYS A 426 -4.70 -16.94 21.82
CA CYS A 426 -5.23 -16.90 23.22
C CYS A 426 -5.86 -18.24 23.54
N ARG A 427 -6.57 -18.84 22.59
CA ARG A 427 -7.16 -20.18 22.79
C ARG A 427 -6.03 -21.15 23.15
N LEU A 428 -4.96 -21.16 22.35
CA LEU A 428 -3.78 -22.02 22.64
C LEU A 428 -3.28 -21.69 24.06
N MET A 429 -3.06 -20.41 24.40
CA MET A 429 -2.47 -20.04 25.72
C MET A 429 -3.38 -20.51 26.86
N LYS A 430 -4.69 -20.57 26.65
CA LYS A 430 -5.66 -20.83 27.75
C LYS A 430 -5.91 -22.33 27.90
N THR A 431 -5.58 -23.11 26.87
CA THR A 431 -5.84 -24.58 26.81
C THR A 431 -4.55 -25.35 27.13
N ILE A 432 -3.59 -25.34 26.21
CA ILE A 432 -2.30 -26.11 26.29
C ILE A 432 -1.25 -25.27 27.03
N GLY A 433 -1.59 -24.04 27.42
CA GLY A 433 -0.63 -23.12 28.08
C GLY A 433 0.24 -22.39 27.05
N PRO A 434 0.90 -21.28 27.45
CA PRO A 434 1.77 -20.55 26.53
C PRO A 434 3.13 -21.27 26.52
N ASP A 435 3.97 -20.98 25.52
CA ASP A 435 5.31 -21.63 25.40
C ASP A 435 6.21 -21.07 26.51
N MET A 436 6.07 -19.78 26.74
CA MET A 436 6.96 -18.99 27.64
C MET A 436 6.08 -18.04 28.43
N PHE A 437 6.31 -17.98 29.74
CA PHE A 437 5.57 -17.14 30.72
C PHE A 437 6.58 -16.25 31.44
N LEU A 438 6.51 -14.93 31.26
CA LEU A 438 7.25 -13.94 32.11
C LEU A 438 6.53 -13.80 33.47
N GLY A 439 7.08 -14.39 34.53
CA GLY A 439 6.37 -14.64 35.80
C GLY A 439 6.70 -13.64 36.90
N THR A 440 7.50 -12.59 36.64
CA THR A 440 7.89 -11.57 37.64
C THR A 440 7.53 -10.18 37.13
N CYS A 441 6.55 -9.55 37.78
CA CYS A 441 6.13 -8.15 37.51
C CYS A 441 7.11 -7.19 38.20
N ARG A 442 7.71 -6.28 37.44
CA ARG A 442 8.74 -5.34 37.93
C ARG A 442 8.13 -3.94 37.96
N ARG A 443 6.90 -3.76 37.52
CA ARG A 443 6.26 -2.43 37.48
C ARG A 443 5.53 -2.13 38.80
N CYS A 444 4.80 -3.10 39.39
CA CYS A 444 3.68 -2.79 40.31
C CYS A 444 4.06 -3.05 41.77
N PRO A 445 3.60 -2.18 42.69
CA PRO A 445 3.76 -2.41 44.12
C PRO A 445 3.20 -3.80 44.41
N ALA A 446 3.75 -4.50 45.40
CA ALA A 446 3.36 -5.89 45.66
C ALA A 446 1.85 -6.01 45.85
N GLU A 447 1.19 -5.05 46.50
CA GLU A 447 -0.27 -5.13 46.82
C GLU A 447 -1.04 -5.41 45.52
N ILE A 448 -0.65 -4.76 44.43
CA ILE A 448 -1.27 -4.93 43.09
C ILE A 448 -0.88 -6.28 42.49
N VAL A 449 0.40 -6.62 42.51
CA VAL A 449 0.90 -7.91 41.96
C VAL A 449 0.15 -9.06 42.66
N ASP A 450 0.06 -9.04 43.99
CA ASP A 450 -0.57 -10.14 44.76
C ASP A 450 -2.05 -10.25 44.37
N THR A 451 -2.75 -9.12 44.16
CA THR A 451 -4.20 -9.13 43.83
C THR A 451 -4.41 -9.79 42.46
N VAL A 452 -3.72 -9.31 41.42
CA VAL A 452 -3.95 -9.80 40.04
C VAL A 452 -3.41 -11.23 39.91
N SER A 453 -2.31 -11.59 40.57
CA SER A 453 -1.72 -12.96 40.62
C SER A 453 -2.79 -13.96 41.04
N ALA A 454 -3.53 -13.66 42.11
CA ALA A 454 -4.62 -14.52 42.60
C ALA A 454 -5.82 -14.44 41.64
N LEU A 455 -6.12 -13.25 41.12
CA LEU A 455 -7.35 -12.98 40.33
C LEU A 455 -7.28 -13.71 39.00
N VAL A 456 -6.17 -13.60 38.25
CA VAL A 456 -6.16 -14.05 36.83
C VAL A 456 -4.94 -14.91 36.49
N TYR A 457 -3.94 -15.04 37.36
CA TYR A 457 -2.67 -15.71 36.96
C TYR A 457 -2.44 -16.98 37.78
N ASP A 458 -3.48 -17.51 38.43
CA ASP A 458 -3.41 -18.69 39.31
C ASP A 458 -2.13 -18.61 40.16
N ASN A 459 -1.88 -17.46 40.78
CA ASN A 459 -0.81 -17.28 41.79
C ASN A 459 0.59 -17.50 41.22
N LYS A 460 0.76 -17.45 39.90
CA LYS A 460 2.07 -17.68 39.24
C LYS A 460 2.77 -16.34 38.95
N LEU A 461 2.13 -15.20 39.22
CA LEU A 461 2.80 -13.89 39.01
C LEU A 461 3.40 -13.45 40.34
N LYS A 462 4.69 -13.07 40.31
CA LYS A 462 5.49 -12.71 41.50
C LYS A 462 5.84 -11.21 41.42
N ALA A 463 5.91 -10.57 42.59
CA ALA A 463 6.27 -9.15 42.72
C ALA A 463 7.79 -9.05 42.86
N HIS A 464 8.44 -8.27 42.01
CA HIS A 464 9.81 -7.75 42.25
C HIS A 464 9.75 -6.69 43.35
N LYS A 465 8.89 -5.69 43.17
CA LYS A 465 8.78 -4.52 44.08
C LYS A 465 8.25 -4.98 45.43
N ASP A 466 8.59 -4.21 46.46
CA ASP A 466 8.01 -4.28 47.82
C ASP A 466 6.58 -3.74 47.74
N LYS A 467 5.71 -4.11 48.69
CA LYS A 467 4.49 -3.34 49.03
C LYS A 467 4.83 -1.84 49.10
N SER A 468 4.09 -0.97 48.44
CA SER A 468 4.37 0.50 48.39
C SER A 468 3.81 1.19 49.64
N ALA A 469 2.81 0.57 50.28
CA ALA A 469 1.96 1.19 51.33
C ALA A 469 1.27 2.46 50.79
N GLN A 470 1.08 2.53 49.47
CA GLN A 470 0.44 3.64 48.71
C GLN A 470 -0.70 3.10 47.84
N CYS A 471 -1.31 1.97 48.23
CA CYS A 471 -2.37 1.33 47.46
C CYS A 471 -3.60 1.32 48.35
N PHE A 472 -4.65 2.04 47.94
CA PHE A 472 -5.84 2.27 48.80
C PHE A 472 -7.08 1.79 48.07
N LYS A 473 -8.06 1.32 48.83
CA LYS A 473 -9.37 0.95 48.25
C LYS A 473 -10.42 1.64 49.10
N MET A 474 -11.52 2.07 48.48
CA MET A 474 -12.69 2.55 49.23
C MET A 474 -13.93 1.99 48.57
N PHE A 475 -14.82 1.42 49.35
CA PHE A 475 -16.11 0.88 48.85
C PHE A 475 -17.12 2.03 48.96
N TYR A 476 -17.53 2.55 47.82
CA TYR A 476 -18.43 3.73 47.75
C TYR A 476 -19.25 3.71 46.46
N LYS A 477 -20.50 3.23 46.54
CA LYS A 477 -21.37 2.98 45.37
C LYS A 477 -21.82 4.30 44.75
N GLY A 478 -21.93 5.36 45.54
CA GLY A 478 -22.19 6.70 44.99
C GLY A 478 -23.54 6.70 44.30
N VAL A 479 -23.64 7.33 43.13
CA VAL A 479 -24.93 7.51 42.39
C VAL A 479 -24.55 7.45 40.93
N ILE A 480 -25.26 6.63 40.17
CA ILE A 480 -24.88 6.34 38.77
C ILE A 480 -25.88 7.09 37.89
N THR A 481 -25.36 8.03 37.10
CA THR A 481 -26.12 8.77 36.08
C THR A 481 -25.52 8.31 34.78
N HIS A 482 -26.22 8.51 33.68
CA HIS A 482 -25.84 8.00 32.34
C HIS A 482 -25.98 9.10 31.31
N ASP A 483 -24.92 9.32 30.55
CA ASP A 483 -24.90 10.11 29.29
C ASP A 483 -25.17 9.11 28.16
N VAL A 484 -26.41 9.05 27.70
CA VAL A 484 -26.97 7.99 26.81
C VAL A 484 -26.91 6.67 27.61
N SER A 485 -25.84 5.88 27.43
CA SER A 485 -25.57 4.58 28.12
C SER A 485 -24.23 4.61 28.88
N SER A 486 -23.29 5.50 28.51
CA SER A 486 -22.02 5.71 29.22
C SER A 486 -22.32 6.23 30.63
N ALA A 487 -21.64 5.69 31.64
CA ALA A 487 -22.00 5.88 33.06
C ALA A 487 -21.16 7.01 33.67
N ILE A 488 -21.72 7.67 34.67
CA ILE A 488 -21.04 8.71 35.47
C ILE A 488 -21.35 8.43 36.94
N ASN A 489 -20.39 8.68 37.83
CA ASN A 489 -20.61 8.59 39.29
C ASN A 489 -19.97 9.81 39.95
N ARG A 490 -20.71 10.91 40.05
CA ARG A 490 -20.20 12.20 40.55
C ARG A 490 -19.75 12.00 42.00
N PRO A 491 -20.53 11.32 42.88
CA PRO A 491 -20.06 11.10 44.23
C PRO A 491 -18.69 10.38 44.32
N GLN A 492 -18.43 9.43 43.43
CA GLN A 492 -17.12 8.73 43.41
C GLN A 492 -16.05 9.74 43.04
N ILE A 493 -16.33 10.69 42.14
CA ILE A 493 -15.35 11.76 41.80
C ILE A 493 -15.18 12.70 43.01
N GLY A 494 -16.27 12.93 43.75
CA GLY A 494 -16.30 13.80 44.93
C GLY A 494 -15.41 13.24 46.00
N VAL A 495 -15.53 11.94 46.25
CA VAL A 495 -14.61 11.20 47.16
C VAL A 495 -13.14 11.40 46.73
N VAL A 496 -12.84 11.32 45.43
CA VAL A 496 -11.46 11.52 44.90
C VAL A 496 -11.01 12.95 45.23
N ARG A 497 -11.85 13.94 44.96
CA ARG A 497 -11.54 15.38 45.21
C ARG A 497 -11.14 15.54 46.69
N GLU A 498 -11.91 14.97 47.61
CA GLU A 498 -11.67 15.02 49.07
C GLU A 498 -10.29 14.42 49.36
N PHE A 499 -10.00 13.28 48.75
CA PHE A 499 -8.74 12.51 48.97
C PHE A 499 -7.53 13.34 48.51
N LEU A 500 -7.67 14.04 47.38
CA LEU A 500 -6.54 14.78 46.77
C LEU A 500 -6.09 15.92 47.70
N THR A 501 -7.02 16.59 48.39
CA THR A 501 -6.69 17.73 49.29
C THR A 501 -5.74 17.21 50.37
N ARG A 502 -5.97 15.99 50.85
CA ARG A 502 -5.23 15.38 51.98
C ARG A 502 -4.03 14.57 51.49
N ASN A 503 -3.82 14.45 50.18
CA ASN A 503 -2.78 13.53 49.65
C ASN A 503 -2.09 14.17 48.45
N PRO A 504 -1.41 15.35 48.63
CA PRO A 504 -0.96 16.15 47.49
C PRO A 504 -0.02 15.45 46.51
N ALA A 505 0.65 14.36 46.92
CA ALA A 505 1.55 13.53 46.10
C ALA A 505 0.80 12.95 44.89
N TRP A 506 -0.51 12.79 45.02
CA TRP A 506 -1.40 12.18 44.00
C TRP A 506 -1.84 13.21 42.98
N ARG A 507 -1.38 14.47 43.13
CA ARG A 507 -1.72 15.61 42.24
C ARG A 507 -1.40 15.20 40.80
N LYS A 508 -0.37 14.38 40.63
CA LYS A 508 0.21 13.98 39.32
C LYS A 508 -0.49 12.70 38.80
N ALA A 509 -1.53 12.18 39.47
CA ALA A 509 -2.15 10.86 39.20
C ALA A 509 -2.93 10.91 37.88
N VAL A 510 -2.89 9.83 37.12
CA VAL A 510 -3.80 9.57 35.98
C VAL A 510 -5.09 9.06 36.58
N PHE A 511 -6.22 9.64 36.17
CA PHE A 511 -7.59 9.20 36.56
C PHE A 511 -8.07 8.14 35.56
N ILE A 512 -8.51 6.98 36.03
CA ILE A 512 -8.91 5.86 35.14
C ILE A 512 -10.27 5.34 35.59
N SER A 513 -11.12 5.02 34.61
CA SER A 513 -12.50 4.52 34.81
C SER A 513 -12.88 3.70 33.60
N PRO A 514 -13.88 2.80 33.73
CA PRO A 514 -14.29 2.01 32.57
C PRO A 514 -15.18 2.80 31.58
N TYR A 515 -15.34 4.12 31.76
CA TYR A 515 -16.35 4.95 31.04
C TYR A 515 -15.81 6.36 30.73
N ASN A 516 -15.88 6.74 29.45
CA ASN A 516 -15.48 8.05 28.90
C ASN A 516 -16.23 9.17 29.61
N SER A 517 -17.53 8.98 29.80
CA SER A 517 -18.41 10.03 30.36
C SER A 517 -17.91 10.35 31.76
N GLN A 518 -17.55 9.33 32.53
CA GLN A 518 -16.96 9.47 33.90
C GLN A 518 -15.67 10.27 33.75
N ASN A 519 -14.85 9.91 32.77
CA ASN A 519 -13.52 10.51 32.53
C ASN A 519 -13.73 11.99 32.19
N ALA A 520 -14.74 12.29 31.37
CA ALA A 520 -15.08 13.68 30.96
C ALA A 520 -15.40 14.51 32.19
N VAL A 521 -16.20 13.98 33.11
CA VAL A 521 -16.60 14.70 34.35
C VAL A 521 -15.39 14.88 35.28
N ALA A 522 -14.58 13.81 35.43
CA ALA A 522 -13.35 13.79 36.26
C ALA A 522 -12.33 14.79 35.69
N SER A 523 -12.24 14.91 34.37
CA SER A 523 -11.40 15.95 33.74
C SER A 523 -11.78 17.33 34.31
N LYS A 524 -13.05 17.73 34.20
CA LYS A 524 -13.55 19.07 34.60
C LYS A 524 -13.32 19.29 36.11
N ILE A 525 -13.63 18.32 36.97
CA ILE A 525 -13.66 18.54 38.45
C ILE A 525 -12.26 18.35 39.07
N LEU A 526 -11.45 17.42 38.56
CA LEU A 526 -10.16 17.03 39.21
C LEU A 526 -8.98 17.70 38.50
N GLY A 527 -9.05 17.84 37.18
CA GLY A 527 -7.98 18.45 36.37
C GLY A 527 -6.89 17.46 36.03
N LEU A 528 -7.01 16.23 36.52
CA LEU A 528 -6.05 15.10 36.27
C LEU A 528 -6.17 14.68 34.82
N PRO A 529 -5.08 14.20 34.18
CA PRO A 529 -5.24 13.53 32.90
C PRO A 529 -6.09 12.27 33.13
N THR A 530 -6.71 11.84 32.05
CA THR A 530 -7.88 10.92 32.00
C THR A 530 -7.58 9.79 31.02
N GLN A 531 -7.96 8.58 31.36
CA GLN A 531 -7.77 7.41 30.49
C GLN A 531 -8.87 6.40 30.82
N THR A 532 -9.52 5.82 29.81
CA THR A 532 -10.38 4.61 29.99
C THR A 532 -9.46 3.43 30.28
N VAL A 533 -9.96 2.41 30.96
CA VAL A 533 -9.12 1.21 31.21
C VAL A 533 -8.55 0.74 29.87
N ASP A 534 -9.41 0.60 28.87
CA ASP A 534 -9.10 -0.02 27.55
C ASP A 534 -7.96 0.79 26.89
N SER A 535 -8.03 2.13 26.88
CA SER A 535 -6.97 3.00 26.29
C SER A 535 -5.74 3.07 27.21
N SER A 536 -5.83 2.68 28.48
CA SER A 536 -4.70 2.66 29.43
C SER A 536 -3.79 1.46 29.14
N GLN A 537 -4.30 0.43 28.46
CA GLN A 537 -3.61 -0.87 28.31
C GLN A 537 -2.25 -0.61 27.64
N GLY A 538 -1.17 -1.15 28.19
CA GLY A 538 0.21 -0.98 27.70
C GLY A 538 0.96 0.21 28.29
N SER A 539 0.27 1.13 28.97
CA SER A 539 0.85 2.35 29.59
C SER A 539 1.05 2.14 31.09
N GLU A 540 1.90 2.97 31.70
CA GLU A 540 2.20 2.92 33.16
C GLU A 540 2.40 4.35 33.68
N TYR A 541 1.94 4.58 34.90
CA TYR A 541 1.95 5.90 35.55
C TYR A 541 2.31 5.67 37.00
N ASP A 542 2.98 6.62 37.65
CA ASP A 542 3.43 6.47 39.05
C ASP A 542 2.19 6.20 39.90
N TYR A 543 1.17 7.04 39.73
CA TYR A 543 -0.05 7.04 40.56
C TYR A 543 -1.30 6.94 39.68
N VAL A 544 -2.25 6.15 40.16
CA VAL A 544 -3.49 5.86 39.40
C VAL A 544 -4.63 6.08 40.37
N ILE A 545 -5.65 6.81 39.93
CA ILE A 545 -6.96 6.85 40.63
C ILE A 545 -7.94 6.17 39.70
N PHE A 546 -8.60 5.14 40.21
CA PHE A 546 -9.57 4.29 39.52
C PHE A 546 -10.91 4.43 40.24
N THR A 547 -11.94 4.92 39.57
CA THR A 547 -13.36 4.85 40.06
C THR A 547 -14.06 3.81 39.19
N GLN A 548 -14.58 2.75 39.80
CA GLN A 548 -15.27 1.66 39.08
C GLN A 548 -16.53 2.20 38.39
N THR A 549 -17.15 3.24 38.95
CA THR A 549 -18.32 3.99 38.41
C THR A 549 -19.62 3.22 38.62
N THR A 550 -19.70 2.00 38.09
CA THR A 550 -20.91 1.13 38.10
C THR A 550 -20.54 -0.28 38.55
N GLU A 551 -21.56 -1.09 38.78
CA GLU A 551 -21.49 -2.53 39.10
C GLU A 551 -21.90 -3.37 37.88
N THR A 552 -21.66 -2.93 36.66
CA THR A 552 -22.01 -3.69 35.42
C THR A 552 -20.99 -4.80 35.09
N ALA A 553 -21.30 -5.61 34.07
CA ALA A 553 -20.41 -6.67 33.57
C ALA A 553 -19.17 -6.05 32.94
N HIS A 554 -19.31 -4.91 32.30
CA HIS A 554 -18.22 -4.09 31.72
C HIS A 554 -17.22 -3.71 32.82
N SER A 555 -17.69 -3.16 33.93
CA SER A 555 -16.81 -2.58 34.96
C SER A 555 -16.38 -3.67 35.94
N CYS A 556 -16.98 -4.85 35.89
CA CYS A 556 -16.58 -5.98 36.76
C CYS A 556 -15.76 -6.99 35.99
N ASN A 557 -15.55 -6.78 34.69
CA ASN A 557 -14.76 -7.72 33.88
C ASN A 557 -13.38 -7.87 34.55
N VAL A 558 -12.96 -9.11 34.87
CA VAL A 558 -11.68 -9.33 35.62
C VAL A 558 -10.50 -8.91 34.74
N ASN A 559 -10.58 -9.08 33.43
CA ASN A 559 -9.48 -8.66 32.53
C ASN A 559 -9.36 -7.14 32.59
N ARG A 560 -10.47 -6.41 32.50
CA ARG A 560 -10.46 -4.92 32.55
C ARG A 560 -9.94 -4.50 33.93
N PHE A 561 -10.42 -5.14 35.00
CA PHE A 561 -9.94 -4.85 36.37
C PHE A 561 -8.43 -5.10 36.50
N ASN A 562 -7.96 -6.26 36.04
CA ASN A 562 -6.53 -6.62 35.97
C ASN A 562 -5.75 -5.45 35.36
N VAL A 563 -6.11 -5.02 34.15
CA VAL A 563 -5.39 -3.93 33.43
C VAL A 563 -5.45 -2.65 34.26
N ALA A 564 -6.64 -2.27 34.73
CA ALA A 564 -6.87 -0.99 35.43
C ALA A 564 -5.83 -0.80 36.53
N ILE A 565 -5.66 -1.80 37.39
CA ILE A 565 -4.86 -1.62 38.63
C ILE A 565 -3.38 -1.85 38.35
N THR A 566 -3.01 -2.56 37.28
CA THR A 566 -1.60 -2.86 36.94
C THR A 566 -1.01 -1.74 36.08
N ARG A 567 -1.65 -0.58 35.98
CA ARG A 567 -1.04 0.59 35.29
C ARG A 567 -0.09 1.32 36.26
N ALA A 568 -0.20 1.06 37.55
CA ALA A 568 0.44 1.89 38.60
C ALA A 568 1.83 1.36 38.97
N LYS A 569 2.81 2.26 39.09
CA LYS A 569 4.20 1.90 39.48
C LYS A 569 4.42 2.08 40.98
N VAL A 570 3.67 2.96 41.64
CA VAL A 570 3.94 3.44 43.04
C VAL A 570 2.67 3.35 43.85
N GLY A 571 1.62 4.06 43.46
CA GLY A 571 0.37 4.05 44.23
C GLY A 571 -0.88 3.93 43.38
N ILE A 572 -1.97 3.48 44.00
CA ILE A 572 -3.31 3.41 43.38
C ILE A 572 -4.36 3.62 44.45
N LEU A 573 -5.40 4.38 44.11
CA LEU A 573 -6.65 4.54 44.88
C LEU A 573 -7.77 3.97 44.01
N CYS A 574 -8.50 2.99 44.53
CA CYS A 574 -9.63 2.32 43.87
C CYS A 574 -10.86 2.64 44.69
N ILE A 575 -11.78 3.38 44.08
CA ILE A 575 -13.14 3.61 44.60
C ILE A 575 -13.99 2.57 43.89
N MET A 576 -14.53 1.63 44.65
CA MET A 576 -15.15 0.37 44.16
C MET A 576 -16.67 0.42 44.33
N SER A 577 -17.40 -0.21 43.40
CA SER A 577 -18.86 -0.38 43.43
C SER A 577 -19.21 -1.85 43.73
N ASP A 578 -18.32 -2.77 43.33
CA ASP A 578 -18.48 -4.25 43.41
C ASP A 578 -17.81 -4.78 44.68
N ARG A 579 -18.58 -5.46 45.54
CA ARG A 579 -18.10 -5.98 46.85
C ARG A 579 -16.97 -6.98 46.60
N ASP A 580 -17.19 -7.91 45.69
CA ASP A 580 -16.28 -9.05 45.40
C ASP A 580 -14.89 -8.47 45.07
N LEU A 581 -14.83 -7.62 44.05
CA LEU A 581 -13.53 -7.07 43.56
C LEU A 581 -12.96 -6.15 44.64
N TYR A 582 -13.82 -5.41 45.36
CA TYR A 582 -13.36 -4.58 46.51
C TYR A 582 -12.66 -5.50 47.52
N ASP A 583 -13.30 -6.62 47.92
CA ASP A 583 -12.78 -7.52 48.99
C ASP A 583 -11.46 -8.15 48.52
N LYS A 584 -11.36 -8.53 47.24
CA LYS A 584 -10.15 -9.16 46.68
C LYS A 584 -8.97 -8.19 46.67
N LEU A 585 -9.17 -6.88 46.60
CA LEU A 585 -8.03 -5.92 46.53
C LEU A 585 -7.23 -6.03 47.84
N GLN A 586 -5.92 -6.29 47.74
CA GLN A 586 -5.05 -6.45 48.92
C GLN A 586 -4.45 -5.09 49.23
N PHE A 587 -5.32 -4.11 49.51
CA PHE A 587 -4.96 -2.69 49.70
C PHE A 587 -5.48 -2.30 51.08
N THR A 588 -4.82 -1.33 51.70
CA THR A 588 -5.30 -0.60 52.87
C THR A 588 -6.63 0.08 52.52
N SER A 589 -7.69 -0.22 53.26
CA SER A 589 -9.00 0.41 53.05
C SER A 589 -9.00 1.79 53.71
N LEU A 590 -9.57 2.78 53.02
CA LEU A 590 -9.87 4.13 53.57
C LEU A 590 -11.33 4.18 54.05
N GLU A 591 -11.67 5.17 54.88
CA GLU A 591 -13.04 5.44 55.40
C GLU A 591 -13.62 6.67 54.71
N ILE A 592 -14.96 6.80 54.79
CA ILE A 592 -15.85 7.96 54.42
C ILE A 592 -16.84 7.46 53.36
N VAL B 2 23.00 -10.97 3.77
CA VAL B 2 23.73 -12.11 3.13
C VAL B 2 22.91 -12.59 1.92
N GLY B 3 23.55 -12.89 0.78
CA GLY B 3 22.84 -13.25 -0.46
C GLY B 3 23.70 -13.44 -1.70
N ALA B 4 23.12 -13.18 -2.88
CA ALA B 4 23.64 -13.58 -4.20
C ALA B 4 24.31 -12.40 -4.92
N CYS B 5 25.49 -12.65 -5.49
CA CYS B 5 26.28 -11.67 -6.27
C CYS B 5 25.46 -11.29 -7.50
N VAL B 6 25.42 -10.00 -7.84
CA VAL B 6 24.63 -9.47 -8.98
C VAL B 6 25.40 -9.70 -10.29
N LEU B 7 26.55 -10.38 -10.27
CA LEU B 7 27.35 -10.61 -11.51
C LEU B 7 27.67 -12.08 -11.74
N CYS B 8 27.72 -12.88 -10.67
CA CYS B 8 28.16 -14.30 -10.68
C CYS B 8 27.04 -15.19 -10.14
N ASN B 9 26.27 -14.67 -9.19
CA ASN B 9 25.27 -15.39 -8.36
C ASN B 9 25.97 -16.01 -7.15
N SER B 10 27.29 -16.22 -7.21
CA SER B 10 28.12 -16.84 -6.14
C SER B 10 27.80 -16.22 -4.77
N GLN B 11 27.08 -16.96 -3.91
CA GLN B 11 26.67 -16.50 -2.55
C GLN B 11 27.74 -15.54 -2.02
N THR B 12 27.37 -14.56 -1.18
CA THR B 12 28.36 -13.74 -0.42
C THR B 12 27.78 -13.13 0.85
N SER B 13 28.69 -12.67 1.72
CA SER B 13 28.41 -11.87 2.93
C SER B 13 28.71 -10.40 2.65
N LEU B 14 29.10 -10.06 1.41
CA LEU B 14 29.60 -8.72 1.03
C LEU B 14 28.53 -7.96 0.24
N ARG B 15 28.34 -6.68 0.57
CA ARG B 15 27.67 -5.68 -0.30
C ARG B 15 28.65 -4.51 -0.45
N CYS B 16 28.75 -3.93 -1.66
CA CYS B 16 29.41 -2.61 -1.89
C CYS B 16 28.59 -1.56 -1.17
N GLY B 17 29.19 -0.85 -0.21
CA GLY B 17 28.50 0.14 0.65
C GLY B 17 28.43 1.50 -0.03
N ALA B 18 29.28 1.74 -1.05
CA ALA B 18 29.40 3.00 -1.82
C ALA B 18 28.37 3.02 -2.97
N CYS B 19 27.96 1.84 -3.46
CA CYS B 19 26.84 1.67 -4.42
C CYS B 19 25.53 2.03 -3.72
N ILE B 20 24.71 2.89 -4.36
CA ILE B 20 23.48 3.40 -3.68
C ILE B 20 22.52 2.21 -3.48
N ARG B 21 22.57 1.20 -4.34
CA ARG B 21 21.71 -0.01 -4.24
C ARG B 21 22.34 -1.09 -3.34
N ARG B 22 23.58 -0.90 -2.86
CA ARG B 22 24.30 -1.86 -1.97
C ARG B 22 24.24 -3.28 -2.48
N PRO B 23 24.57 -3.55 -3.76
CA PRO B 23 24.42 -4.88 -4.34
C PRO B 23 25.31 -5.88 -3.60
N PHE B 24 24.84 -7.12 -3.44
CA PHE B 24 25.71 -8.25 -3.04
C PHE B 24 26.75 -8.41 -4.15
N LEU B 25 28.03 -8.39 -3.77
CA LEU B 25 29.19 -8.77 -4.61
C LEU B 25 29.94 -9.90 -3.89
N CYS B 26 30.41 -10.89 -4.65
CA CYS B 26 31.18 -12.03 -4.11
C CYS B 26 32.61 -11.57 -3.93
N CYS B 27 33.41 -12.38 -3.23
CA CYS B 27 34.84 -12.12 -2.92
C CYS B 27 35.56 -11.64 -4.19
N LYS B 28 35.26 -12.23 -5.35
CA LYS B 28 36.04 -11.97 -6.58
C LYS B 28 35.52 -10.68 -7.22
N CYS B 29 34.20 -10.49 -7.30
CA CYS B 29 33.56 -9.38 -8.06
C CYS B 29 33.69 -8.10 -7.20
N CYS B 30 33.56 -8.21 -5.87
CA CYS B 30 33.74 -7.09 -4.92
C CYS B 30 35.14 -6.47 -5.08
N TYR B 31 36.18 -7.32 -5.08
CA TYR B 31 37.61 -6.95 -5.25
C TYR B 31 37.80 -6.21 -6.59
N ASP B 32 37.37 -6.83 -7.69
CA ASP B 32 37.56 -6.23 -9.05
C ASP B 32 36.84 -4.88 -9.15
N HIS B 33 35.74 -4.71 -8.40
CA HIS B 33 34.94 -3.45 -8.31
C HIS B 33 35.70 -2.41 -7.48
N VAL B 34 36.07 -2.75 -6.23
CA VAL B 34 36.74 -1.78 -5.29
C VAL B 34 38.07 -1.30 -5.88
N ILE B 35 38.89 -2.17 -6.49
CA ILE B 35 40.28 -1.77 -6.93
C ILE B 35 40.22 -0.92 -8.21
N SER B 36 39.08 -0.85 -8.89
CA SER B 36 38.98 -0.25 -10.25
C SER B 36 38.03 0.95 -10.22
N THR B 37 37.51 1.33 -9.05
CA THR B 37 36.59 2.49 -8.82
C THR B 37 37.01 3.19 -7.53
N SER B 38 36.29 4.27 -7.20
CA SER B 38 36.35 5.02 -5.92
C SER B 38 35.63 4.24 -4.81
N HIS B 39 34.83 3.24 -5.15
CA HIS B 39 33.97 2.54 -4.17
C HIS B 39 34.89 1.69 -3.27
N LYS B 40 35.05 2.03 -2.00
CA LYS B 40 35.94 1.25 -1.10
C LYS B 40 35.23 0.87 0.20
N LEU B 41 34.02 1.37 0.46
CA LEU B 41 33.29 0.89 1.65
C LEU B 41 32.66 -0.43 1.25
N VAL B 42 32.88 -1.48 2.05
CA VAL B 42 32.34 -2.85 1.84
C VAL B 42 31.54 -3.20 3.08
N LEU B 43 30.37 -3.83 2.89
CA LEU B 43 29.41 -4.13 3.98
C LEU B 43 29.25 -5.65 4.08
N SER B 44 29.35 -6.16 5.32
CA SER B 44 28.98 -7.54 5.71
C SER B 44 28.09 -7.46 6.96
N VAL B 45 27.83 -8.60 7.61
CA VAL B 45 27.20 -8.68 8.97
C VAL B 45 27.59 -7.41 9.74
N ASN B 46 28.89 -7.10 9.75
CA ASN B 46 29.46 -5.78 10.15
C ASN B 46 29.78 -5.00 8.87
N PRO B 47 29.93 -3.65 8.93
CA PRO B 47 30.59 -2.92 7.85
C PRO B 47 32.10 -3.07 8.02
N TYR B 48 32.83 -3.23 6.91
CA TYR B 48 34.31 -3.21 6.91
C TYR B 48 34.76 -1.78 7.19
N VAL B 49 34.91 -1.49 8.48
CA VAL B 49 35.38 -0.18 9.02
C VAL B 49 36.31 -0.51 10.21
N CYS B 50 37.28 0.34 10.54
CA CYS B 50 38.17 0.07 11.70
C CYS B 50 37.38 0.22 13.01
N ASN B 51 37.35 -0.85 13.81
CA ASN B 51 36.60 -0.97 15.10
C ASN B 51 37.37 -0.30 16.26
N ALA B 52 38.59 0.23 16.04
CA ALA B 52 39.35 0.98 17.08
C ALA B 52 38.68 2.33 17.30
N PRO B 53 38.41 2.75 18.56
CA PRO B 53 37.60 3.96 18.82
C PRO B 53 38.17 5.27 18.26
N GLY B 54 37.32 6.04 17.57
CA GLY B 54 37.69 7.31 16.91
C GLY B 54 38.72 7.09 15.81
N CYS B 55 38.54 6.04 15.00
CA CYS B 55 39.29 5.76 13.74
C CYS B 55 38.34 5.76 12.54
N ASP B 56 38.60 6.64 11.57
CA ASP B 56 37.77 6.89 10.36
C ASP B 56 38.36 6.14 9.16
N VAL B 57 38.80 4.89 9.35
CA VAL B 57 39.28 4.04 8.20
C VAL B 57 38.13 3.12 7.78
N THR B 58 37.63 3.35 6.55
CA THR B 58 36.50 2.63 5.88
C THR B 58 36.98 1.91 4.59
N ASP B 59 38.07 2.37 3.93
CA ASP B 59 38.61 1.75 2.68
C ASP B 59 38.98 0.28 2.95
N VAL B 60 38.33 -0.64 2.26
CA VAL B 60 38.53 -2.12 2.44
C VAL B 60 39.99 -2.49 2.11
N THR B 61 40.66 -1.74 1.23
CA THR B 61 42.06 -2.02 0.76
C THR B 61 43.07 -1.63 1.86
N GLN B 62 42.63 -0.91 2.90
CA GLN B 62 43.45 -0.40 4.03
C GLN B 62 43.01 -1.05 5.35
N LEU B 63 42.33 -2.20 5.31
CA LEU B 63 41.76 -2.80 6.53
C LEU B 63 42.14 -4.27 6.64
N TYR B 64 42.12 -4.83 7.87
CA TYR B 64 42.54 -6.23 8.20
C TYR B 64 41.58 -6.81 9.24
N LEU B 65 41.31 -8.12 9.15
CA LEU B 65 40.59 -8.91 10.19
C LEU B 65 41.57 -9.32 11.30
N GLY B 66 41.33 -8.87 12.53
CA GLY B 66 42.13 -9.12 13.75
C GLY B 66 41.29 -9.72 14.87
N GLY B 67 41.02 -11.03 14.77
CA GLY B 67 40.05 -11.78 15.59
C GLY B 67 38.76 -11.99 14.82
N MET B 68 37.67 -11.38 15.31
CA MET B 68 36.35 -11.33 14.62
C MET B 68 35.96 -9.87 14.33
N SER B 69 36.83 -8.91 14.70
CA SER B 69 36.72 -7.45 14.43
C SER B 69 37.64 -7.04 13.26
N TYR B 70 37.49 -5.81 12.77
CA TYR B 70 38.24 -5.27 11.61
C TYR B 70 39.05 -4.06 12.07
N TYR B 71 40.29 -3.92 11.59
CA TYR B 71 41.17 -2.77 11.91
C TYR B 71 41.94 -2.37 10.65
N CYS B 72 42.40 -1.11 10.65
CA CYS B 72 43.34 -0.55 9.65
C CYS B 72 44.78 -0.95 10.01
N LYS B 73 45.75 -0.45 9.24
CA LYS B 73 47.20 -0.76 9.41
C LYS B 73 47.66 -0.23 10.77
N SER B 74 47.06 0.85 11.27
CA SER B 74 47.50 1.59 12.49
C SER B 74 46.89 0.98 13.76
N HIS B 75 45.88 0.15 13.64
CA HIS B 75 45.15 -0.39 14.82
C HIS B 75 45.09 -1.91 14.82
N LYS B 76 45.64 -2.59 13.80
CA LYS B 76 45.50 -4.05 13.70
C LYS B 76 46.26 -4.68 14.87
N PRO B 77 45.86 -5.88 15.33
CA PRO B 77 46.71 -6.70 16.19
C PRO B 77 47.79 -7.45 15.39
N PRO B 78 48.78 -8.05 16.08
CA PRO B 78 49.87 -8.74 15.39
C PRO B 78 49.36 -9.84 14.46
N ILE B 79 48.43 -10.67 14.97
CA ILE B 79 47.80 -11.78 14.20
C ILE B 79 46.52 -11.24 13.56
N SER B 80 46.61 -10.95 12.25
CA SER B 80 45.54 -10.37 11.39
C SER B 80 45.85 -10.72 9.93
N PHE B 81 44.86 -10.75 9.04
CA PHE B 81 45.09 -10.86 7.58
C PHE B 81 44.28 -9.80 6.85
N PRO B 82 44.81 -9.25 5.74
CA PRO B 82 44.15 -8.14 5.04
C PRO B 82 42.77 -8.60 4.52
N LEU B 83 41.87 -7.66 4.23
CA LEU B 83 40.54 -7.98 3.65
C LEU B 83 40.67 -8.06 2.13
N CYS B 84 41.58 -7.29 1.53
CA CYS B 84 41.94 -7.34 0.08
C CYS B 84 43.26 -8.07 -0.18
N ALA B 85 43.21 -9.23 -0.83
CA ALA B 85 44.41 -9.95 -1.28
C ALA B 85 44.00 -11.05 -2.25
N ASN B 86 44.85 -11.39 -3.22
CA ASN B 86 44.62 -12.52 -4.13
C ASN B 86 43.35 -12.29 -4.95
N GLY B 87 43.05 -11.05 -5.32
CA GLY B 87 41.87 -10.71 -6.13
C GLY B 87 40.57 -11.09 -5.43
N GLN B 88 40.59 -11.15 -4.10
CA GLN B 88 39.40 -11.42 -3.28
C GLN B 88 39.28 -10.38 -2.16
N VAL B 89 38.05 -10.16 -1.69
CA VAL B 89 37.73 -9.47 -0.42
C VAL B 89 37.25 -10.55 0.55
N PHE B 90 37.60 -10.43 1.83
CA PHE B 90 37.23 -11.46 2.84
C PHE B 90 35.75 -11.32 3.21
N GLY B 91 35.08 -12.46 3.33
CA GLY B 91 33.69 -12.61 3.80
C GLY B 91 33.32 -14.07 4.04
N LEU B 92 32.20 -14.52 3.49
CA LEU B 92 31.76 -15.94 3.49
C LEU B 92 31.85 -16.49 2.06
N TYR B 93 31.68 -17.80 1.92
CA TYR B 93 31.62 -18.54 0.62
C TYR B 93 32.80 -18.11 -0.27
N LYS B 94 34.00 -18.06 0.32
CA LYS B 94 35.31 -17.73 -0.34
C LYS B 94 35.66 -18.79 -1.40
N ASN B 95 35.05 -19.98 -1.36
CA ASN B 95 35.35 -21.15 -2.24
C ASN B 95 34.32 -21.27 -3.38
N THR B 96 33.04 -20.91 -3.16
CA THR B 96 32.01 -20.72 -4.24
C THR B 96 32.11 -19.27 -4.76
N CYS B 97 32.81 -19.06 -5.87
CA CYS B 97 33.31 -17.73 -6.32
C CYS B 97 33.96 -17.85 -7.69
N VAL B 98 33.30 -17.34 -8.75
CA VAL B 98 33.64 -17.57 -10.19
C VAL B 98 34.31 -16.33 -10.81
N GLY B 99 33.71 -15.14 -10.66
CA GLY B 99 34.23 -13.86 -11.20
C GLY B 99 33.55 -13.48 -12.51
N SER B 100 34.13 -12.58 -13.29
CA SER B 100 33.60 -12.11 -14.61
C SER B 100 34.75 -11.61 -15.48
N ASP B 101 34.60 -11.71 -16.80
CA ASP B 101 35.67 -11.45 -17.81
C ASP B 101 36.19 -10.02 -17.63
N ASN B 102 35.28 -9.03 -17.64
CA ASN B 102 35.57 -7.58 -17.44
C ASN B 102 34.39 -6.89 -16.77
N VAL B 103 34.45 -6.74 -15.43
CA VAL B 103 33.39 -6.13 -14.55
C VAL B 103 33.18 -4.65 -14.93
N THR B 104 33.58 -4.28 -16.15
CA THR B 104 33.73 -2.90 -16.67
C THR B 104 32.37 -2.18 -16.75
N ASP B 105 31.33 -2.84 -17.28
CA ASP B 105 29.96 -2.31 -17.45
C ASP B 105 29.27 -2.14 -16.08
N PHE B 106 29.47 -3.08 -15.16
CA PHE B 106 28.93 -2.95 -13.78
C PHE B 106 29.48 -1.68 -13.10
N ASN B 107 30.76 -1.36 -13.28
CA ASN B 107 31.42 -0.18 -12.67
C ASN B 107 30.84 1.12 -13.25
N ALA B 108 30.74 1.20 -14.57
CA ALA B 108 30.14 2.35 -15.28
C ALA B 108 28.71 2.56 -14.76
N ILE B 109 27.93 1.49 -14.59
CA ILE B 109 26.52 1.59 -14.12
C ILE B 109 26.54 2.07 -12.69
N ALA B 110 27.49 1.61 -11.90
CA ALA B 110 27.50 1.83 -10.44
C ALA B 110 27.93 3.26 -10.13
N THR B 111 28.61 3.92 -11.08
CA THR B 111 29.40 5.17 -10.85
C THR B 111 28.94 6.34 -11.72
N CYS B 112 28.17 6.10 -12.80
CA CYS B 112 27.70 7.18 -13.70
C CYS B 112 26.68 8.03 -12.93
N ASP B 113 26.47 9.26 -13.37
CA ASP B 113 25.52 10.20 -12.72
C ASP B 113 24.18 10.24 -13.48
N TRP B 114 24.05 9.48 -14.58
CA TRP B 114 22.79 9.32 -15.36
C TRP B 114 22.39 10.62 -16.10
N THR B 115 23.33 11.55 -16.36
CA THR B 115 23.02 12.86 -17.01
C THR B 115 23.35 12.76 -18.50
N ASN B 116 24.05 11.71 -18.93
CA ASN B 116 24.47 11.49 -20.34
C ASN B 116 23.66 10.33 -20.93
N ALA B 117 23.20 10.47 -22.17
CA ALA B 117 22.44 9.44 -22.91
C ALA B 117 23.24 8.12 -22.92
N GLY B 118 24.57 8.18 -22.98
CA GLY B 118 25.45 7.00 -23.05
C GLY B 118 25.27 6.11 -21.85
N ASP B 119 24.77 6.66 -20.75
CA ASP B 119 24.53 5.87 -19.53
C ASP B 119 23.31 4.94 -19.75
N TYR B 120 22.29 5.45 -20.43
CA TYR B 120 20.98 4.79 -20.68
C TYR B 120 21.16 3.78 -21.81
N ILE B 121 22.10 4.05 -22.72
CA ILE B 121 22.44 3.11 -23.82
C ILE B 121 23.05 1.86 -23.18
N LEU B 122 24.00 2.06 -22.27
CA LEU B 122 24.63 0.95 -21.54
C LEU B 122 23.52 0.16 -20.83
N ALA B 123 22.68 0.85 -20.07
CA ALA B 123 21.70 0.23 -19.14
C ALA B 123 20.74 -0.65 -19.93
N ASN B 124 20.72 -0.47 -21.25
CA ASN B 124 19.78 -1.17 -22.14
C ASN B 124 20.54 -2.11 -23.10
N THR B 125 21.87 -2.14 -23.12
CA THR B 125 22.64 -3.07 -24.00
C THR B 125 23.44 -4.08 -23.16
N CYS B 126 23.58 -3.86 -21.86
CA CYS B 126 24.35 -4.73 -20.93
C CYS B 126 23.59 -6.05 -20.76
N THR B 127 24.05 -6.95 -19.90
CA THR B 127 23.40 -8.25 -19.65
C THR B 127 22.10 -8.00 -18.87
N GLU B 128 21.20 -8.98 -18.88
CA GLU B 128 19.86 -8.86 -18.25
C GLU B 128 20.05 -8.48 -16.78
N ARG B 129 20.93 -9.17 -16.06
CA ARG B 129 21.06 -8.92 -14.60
C ARG B 129 21.54 -7.48 -14.36
N LEU B 130 22.32 -6.92 -15.28
CA LEU B 130 22.83 -5.54 -15.15
C LEU B 130 21.76 -4.53 -15.62
N LYS B 131 20.84 -4.90 -16.51
CA LYS B 131 19.63 -4.08 -16.82
C LYS B 131 18.83 -3.82 -15.54
N LEU B 132 18.69 -4.82 -14.67
CA LEU B 132 17.93 -4.67 -13.42
C LEU B 132 18.71 -3.79 -12.45
N PHE B 133 20.00 -4.04 -12.29
CA PHE B 133 20.86 -3.23 -11.40
C PHE B 133 20.85 -1.78 -11.88
N ALA B 134 21.03 -1.54 -13.18
CA ALA B 134 21.01 -0.16 -13.75
C ALA B 134 19.62 0.47 -13.51
N ALA B 135 18.56 -0.33 -13.64
CA ALA B 135 17.17 0.16 -13.52
C ALA B 135 16.94 0.64 -12.08
N GLU B 136 17.23 -0.23 -11.11
CA GLU B 136 17.23 0.14 -9.67
C GLU B 136 18.12 1.37 -9.45
N THR B 137 19.35 1.35 -9.98
CA THR B 137 20.37 2.34 -9.62
C THR B 137 19.88 3.70 -10.09
N LEU B 138 19.35 3.75 -11.32
CA LEU B 138 18.82 4.98 -11.96
C LEU B 138 17.60 5.48 -11.17
N LYS B 139 16.65 4.60 -10.87
CA LYS B 139 15.38 5.03 -10.23
C LYS B 139 15.71 5.55 -8.84
N ALA B 140 16.61 4.88 -8.13
CA ALA B 140 17.05 5.32 -6.80
C ALA B 140 17.73 6.68 -6.94
N THR B 141 18.54 6.90 -7.98
CA THR B 141 19.30 8.19 -8.20
C THR B 141 18.29 9.29 -8.57
N GLU B 142 17.24 8.97 -9.30
CA GLU B 142 16.16 9.91 -9.68
C GLU B 142 15.39 10.36 -8.42
N GLU B 143 15.07 9.44 -7.50
CA GLU B 143 14.22 9.72 -6.30
C GLU B 143 15.01 10.57 -5.32
N THR B 144 16.29 10.25 -5.14
CA THR B 144 17.20 10.97 -4.20
C THR B 144 17.41 12.39 -4.74
N PHE B 145 17.52 12.53 -6.06
CA PHE B 145 17.69 13.85 -6.72
C PHE B 145 16.47 14.76 -6.45
N LYS B 146 15.27 14.23 -6.22
CA LYS B 146 14.08 15.05 -5.85
C LYS B 146 14.26 15.72 -4.48
N LEU B 147 14.87 15.04 -3.49
CA LEU B 147 15.28 15.61 -2.18
C LEU B 147 16.27 16.76 -2.37
N SER B 148 17.02 16.81 -3.48
CA SER B 148 18.05 17.86 -3.73
C SER B 148 17.35 19.22 -3.84
N TYR B 149 16.05 19.21 -4.13
CA TYR B 149 15.24 20.44 -4.36
C TYR B 149 14.78 21.04 -3.03
N GLY B 150 14.70 22.37 -3.02
CA GLY B 150 14.26 23.14 -1.85
C GLY B 150 12.76 23.05 -1.67
N ILE B 151 12.32 23.11 -0.41
CA ILE B 151 10.89 23.17 0.03
C ILE B 151 10.31 24.51 -0.44
N ALA B 152 9.13 24.50 -1.06
CA ALA B 152 8.34 25.73 -1.32
C ALA B 152 7.32 25.90 -0.19
N THR B 153 7.17 27.13 0.30
CA THR B 153 6.26 27.45 1.42
C THR B 153 5.40 28.66 1.03
N VAL B 154 4.10 28.59 1.36
CA VAL B 154 3.10 29.67 1.07
C VAL B 154 3.44 30.90 1.94
N ARG B 155 3.73 32.01 1.27
CA ARG B 155 4.02 33.33 1.90
C ARG B 155 2.72 34.14 1.93
N GLU B 156 1.91 34.03 0.88
CA GLU B 156 0.65 34.79 0.68
C GLU B 156 -0.28 33.90 -0.16
N VAL B 157 -1.56 33.86 0.18
CA VAL B 157 -2.59 33.13 -0.62
C VAL B 157 -3.22 34.13 -1.60
N LEU B 158 -2.39 34.73 -2.46
CA LEU B 158 -2.69 35.95 -3.26
C LEU B 158 -4.18 35.98 -3.66
N SER B 159 -4.71 34.83 -4.08
CA SER B 159 -6.14 34.60 -4.40
C SER B 159 -6.40 33.09 -4.38
N ASP B 160 -7.53 32.66 -4.96
CA ASP B 160 -7.75 31.25 -5.35
C ASP B 160 -6.83 31.00 -6.57
N ARG B 161 -6.43 29.75 -6.79
CA ARG B 161 -5.68 29.28 -8.00
C ARG B 161 -4.33 29.99 -8.17
N GLU B 162 -3.94 30.91 -7.27
CA GLU B 162 -2.67 31.69 -7.35
C GLU B 162 -2.02 31.80 -5.97
N LEU B 163 -0.69 31.65 -5.90
CA LEU B 163 0.10 31.57 -4.64
C LEU B 163 1.37 32.45 -4.71
N HIS B 164 1.84 32.87 -3.54
CA HIS B 164 3.18 33.48 -3.30
C HIS B 164 4.04 32.48 -2.53
N LEU B 165 5.03 31.86 -3.20
CA LEU B 165 5.91 30.83 -2.58
C LEU B 165 7.23 31.45 -2.11
N SER B 166 7.63 31.11 -0.89
CA SER B 166 9.00 31.33 -0.36
C SER B 166 9.78 30.01 -0.54
N TRP B 167 11.06 30.08 -0.88
CA TRP B 167 11.85 28.89 -1.29
C TRP B 167 13.04 28.71 -0.35
N GLU B 168 13.32 27.46 0.03
CA GLU B 168 14.47 27.05 0.88
C GLU B 168 15.76 27.54 0.21
N VAL B 169 16.62 28.23 0.98
CA VAL B 169 17.95 28.77 0.52
C VAL B 169 18.98 27.64 0.61
N GLY B 170 19.96 27.63 -0.30
CA GLY B 170 21.02 26.59 -0.34
C GLY B 170 20.69 25.52 -1.36
N LYS B 171 19.42 25.11 -1.42
CA LYS B 171 18.92 24.02 -2.31
C LYS B 171 18.29 24.64 -3.56
N PRO B 172 18.51 24.08 -4.76
CA PRO B 172 17.86 24.58 -5.97
C PRO B 172 16.33 24.42 -5.94
N ARG B 173 15.65 25.13 -6.84
CA ARG B 173 14.19 25.05 -7.07
C ARG B 173 13.95 24.08 -8.22
N PRO B 174 12.93 23.19 -8.15
CA PRO B 174 12.57 22.35 -9.30
C PRO B 174 11.97 23.19 -10.42
N PRO B 175 11.97 22.67 -11.67
CA PRO B 175 11.19 23.25 -12.76
C PRO B 175 9.69 23.23 -12.44
N LEU B 176 8.98 24.33 -12.72
CA LEU B 176 7.56 24.51 -12.32
C LEU B 176 6.67 24.20 -13.52
N ASN B 177 6.39 22.92 -13.76
CA ASN B 177 5.57 22.42 -14.91
C ASN B 177 4.87 21.11 -14.53
N ARG B 178 4.04 20.58 -15.45
CA ARG B 178 3.11 19.43 -15.24
C ARG B 178 3.91 18.15 -14.90
N ASN B 179 5.21 18.13 -15.22
CA ASN B 179 6.13 16.97 -15.00
C ASN B 179 6.56 16.87 -13.53
N TYR B 180 6.33 17.90 -12.72
CA TYR B 180 6.79 17.98 -11.31
C TYR B 180 5.57 18.07 -10.39
N VAL B 181 5.23 16.96 -9.73
CA VAL B 181 4.00 16.83 -8.89
C VAL B 181 4.40 16.95 -7.42
N PHE B 182 3.94 18.03 -6.76
CA PHE B 182 4.26 18.36 -5.35
C PHE B 182 3.23 17.69 -4.45
N THR B 183 3.56 17.56 -3.18
CA THR B 183 2.61 17.15 -2.13
C THR B 183 2.53 18.27 -1.10
N GLY B 184 1.34 18.73 -0.80
CA GLY B 184 1.09 19.79 0.18
C GLY B 184 1.12 19.23 1.58
N TYR B 185 1.13 20.10 2.58
CA TYR B 185 1.34 19.76 4.02
C TYR B 185 1.00 20.96 4.88
N ARG B 186 0.26 20.76 5.98
CA ARG B 186 -0.10 21.77 7.01
C ARG B 186 0.63 21.43 8.31
N VAL B 187 1.23 22.42 8.97
CA VAL B 187 2.17 22.22 10.11
C VAL B 187 1.32 21.87 11.34
N THR B 188 1.22 20.58 11.71
CA THR B 188 0.43 20.11 12.88
C THR B 188 1.23 20.37 14.16
N LYS B 189 0.55 20.26 15.32
CA LYS B 189 1.15 20.48 16.67
C LYS B 189 2.62 20.04 16.64
N ASN B 190 2.89 18.77 16.34
CA ASN B 190 4.24 18.16 16.45
C ASN B 190 4.57 17.29 15.22
N SER B 191 3.90 17.50 14.07
CA SER B 191 4.24 16.84 12.77
C SER B 191 3.54 17.56 11.62
N LYS B 192 3.36 16.89 10.47
CA LYS B 192 2.73 17.45 9.25
C LYS B 192 1.67 16.48 8.72
N VAL B 193 0.55 17.04 8.22
CA VAL B 193 -0.57 16.25 7.61
C VAL B 193 -0.58 16.51 6.10
N GLN B 194 -0.53 15.44 5.29
CA GLN B 194 -0.65 15.49 3.81
C GLN B 194 -1.90 16.29 3.48
N ILE B 195 -1.83 17.16 2.48
CA ILE B 195 -2.97 18.04 2.06
C ILE B 195 -3.16 17.86 0.54
N GLY B 196 -2.88 16.65 0.04
CA GLY B 196 -3.08 16.22 -1.37
C GLY B 196 -1.98 16.71 -2.30
N GLU B 197 -1.92 16.17 -3.53
CA GLU B 197 -0.87 16.49 -4.53
C GLU B 197 -1.21 17.82 -5.25
N TYR B 198 -0.20 18.46 -5.85
CA TYR B 198 -0.29 19.79 -6.49
C TYR B 198 0.74 19.90 -7.62
N THR B 199 0.46 20.76 -8.62
CA THR B 199 1.44 21.19 -9.67
C THR B 199 1.35 22.72 -9.82
N PHE B 200 2.44 23.33 -10.30
CA PHE B 200 2.61 24.81 -10.40
C PHE B 200 3.07 25.25 -11.79
N GLU B 201 2.82 26.53 -12.07
CA GLU B 201 3.28 27.30 -13.26
C GLU B 201 3.49 28.77 -12.82
N LYS B 202 4.48 29.46 -13.39
CA LYS B 202 4.80 30.91 -13.15
C LYS B 202 3.53 31.73 -13.39
N GLY B 203 3.39 32.89 -12.73
CA GLY B 203 2.28 33.85 -12.92
C GLY B 203 2.67 35.05 -13.77
N ALA B 208 5.43 33.68 -6.90
CA ALA B 208 4.33 34.25 -7.74
C ALA B 208 3.82 33.18 -8.72
N VAL B 209 3.18 32.11 -8.22
CA VAL B 209 2.88 30.89 -9.02
C VAL B 209 1.37 30.68 -9.07
N VAL B 210 0.98 29.75 -9.97
CA VAL B 210 -0.42 29.36 -10.31
C VAL B 210 -0.56 27.86 -9.99
N TYR B 211 -1.33 27.50 -8.95
CA TYR B 211 -1.41 26.12 -8.41
C TYR B 211 -2.61 25.39 -9.03
N ARG B 212 -2.37 24.27 -9.71
CA ARG B 212 -3.42 23.33 -10.21
C ARG B 212 -3.47 22.12 -9.26
N GLY B 213 -4.23 22.23 -8.16
CA GLY B 213 -4.27 21.26 -7.06
C GLY B 213 -5.12 20.03 -7.37
N THR B 214 -4.57 18.83 -7.11
CA THR B 214 -5.20 17.49 -7.31
C THR B 214 -6.43 17.34 -6.41
N THR B 215 -6.43 18.00 -5.26
CA THR B 215 -7.58 18.13 -4.33
C THR B 215 -8.03 19.59 -4.35
N THR B 216 -9.11 19.92 -3.63
CA THR B 216 -9.56 21.31 -3.38
C THR B 216 -9.42 21.58 -1.87
N TYR B 217 -8.66 22.62 -1.52
CA TYR B 217 -8.41 23.07 -0.13
C TYR B 217 -8.42 24.61 -0.10
N LYS B 218 -8.71 25.17 1.08
CA LYS B 218 -8.57 26.62 1.37
C LYS B 218 -7.17 26.84 1.94
N LEU B 219 -6.12 26.46 1.18
CA LEU B 219 -4.72 26.41 1.67
C LEU B 219 -4.31 27.79 2.20
N ASN B 220 -3.65 27.80 3.36
CA ASN B 220 -3.29 29.01 4.12
C ASN B 220 -1.76 29.06 4.23
N VAL B 221 -1.23 30.28 4.34
CA VAL B 221 0.20 30.64 4.55
C VAL B 221 0.86 29.60 5.47
N GLY B 222 2.14 29.31 5.25
CA GLY B 222 2.93 28.38 6.10
C GLY B 222 2.83 26.96 5.60
N ASP B 223 1.79 26.62 4.84
CA ASP B 223 1.70 25.31 4.12
C ASP B 223 2.88 25.22 3.16
N TYR B 224 3.38 24.00 2.91
CA TYR B 224 4.65 23.80 2.17
C TYR B 224 4.54 22.57 1.25
N PHE B 225 5.42 22.52 0.28
CA PHE B 225 5.32 21.65 -0.92
C PHE B 225 6.65 20.97 -1.17
N VAL B 226 6.63 19.65 -1.32
CA VAL B 226 7.83 18.82 -1.62
C VAL B 226 7.42 17.80 -2.69
N LEU B 227 8.32 17.54 -3.64
CA LEU B 227 8.17 16.50 -4.67
C LEU B 227 8.11 15.14 -3.99
N THR B 228 7.09 14.33 -4.32
CA THR B 228 6.85 13.02 -3.64
C THR B 228 7.98 12.07 -4.03
N SER B 229 8.75 11.62 -3.04
CA SER B 229 9.94 10.73 -3.13
C SER B 229 9.57 9.33 -2.58
N HIS B 230 9.84 8.28 -3.35
CA HIS B 230 9.39 6.89 -3.06
C HIS B 230 10.61 6.00 -2.73
N THR B 231 10.40 5.04 -1.83
CA THR B 231 11.29 3.86 -1.64
C THR B 231 11.36 3.09 -2.97
N VAL B 232 12.56 2.81 -3.50
CA VAL B 232 12.73 1.98 -4.72
C VAL B 232 13.02 0.56 -4.25
N MET B 233 12.20 -0.41 -4.67
CA MET B 233 12.37 -1.83 -4.25
C MET B 233 13.38 -2.52 -5.15
N PRO B 234 13.99 -3.64 -4.69
CA PRO B 234 14.89 -4.42 -5.52
C PRO B 234 14.11 -5.16 -6.62
N LEU B 235 14.75 -5.36 -7.77
CA LEU B 235 14.19 -6.01 -8.97
C LEU B 235 14.72 -7.44 -8.98
N SER B 236 13.84 -8.43 -9.15
CA SER B 236 14.21 -9.86 -9.29
C SER B 236 14.01 -10.30 -10.73
N ALA B 237 12.81 -10.08 -11.28
CA ALA B 237 12.35 -10.59 -12.60
C ALA B 237 13.04 -9.87 -13.76
N PRO B 238 13.32 -10.55 -14.89
CA PRO B 238 13.95 -9.88 -16.02
C PRO B 238 12.96 -8.94 -16.71
N THR B 239 13.45 -8.11 -17.62
CA THR B 239 12.63 -7.07 -18.28
C THR B 239 11.74 -7.71 -19.36
N LEU B 240 12.24 -8.80 -19.95
CA LEU B 240 11.50 -9.72 -20.87
C LEU B 240 11.70 -11.17 -20.41
N VAL B 241 10.63 -11.96 -20.36
CA VAL B 241 10.73 -13.42 -20.12
C VAL B 241 11.46 -13.99 -21.34
N PRO B 242 11.97 -15.23 -21.28
CA PRO B 242 12.58 -15.85 -22.45
C PRO B 242 11.50 -16.07 -23.51
N GLN B 243 11.77 -15.71 -24.77
CA GLN B 243 10.78 -15.87 -25.83
C GLN B 243 10.54 -17.35 -26.06
N GLU B 244 9.31 -17.69 -26.46
CA GLU B 244 8.91 -19.04 -26.90
C GLU B 244 7.95 -18.88 -28.08
N HIS B 245 8.22 -19.59 -29.18
CA HIS B 245 7.31 -19.70 -30.34
C HIS B 245 6.63 -21.06 -30.29
N TYR B 246 5.38 -21.10 -30.75
CA TYR B 246 4.51 -22.30 -30.67
C TYR B 246 4.03 -22.57 -32.08
N VAL B 247 3.58 -23.81 -32.28
CA VAL B 247 3.11 -24.35 -33.59
C VAL B 247 1.57 -24.30 -33.58
N ARG B 248 0.96 -24.21 -32.38
CA ARG B 248 -0.49 -24.06 -32.16
C ARG B 248 -0.71 -22.91 -31.19
N ILE B 249 -1.88 -22.29 -31.20
CA ILE B 249 -2.31 -21.32 -30.17
C ILE B 249 -2.35 -22.12 -28.87
N THR B 250 -1.72 -21.59 -27.81
CA THR B 250 -1.43 -22.30 -26.55
C THR B 250 -2.25 -21.69 -25.42
N GLY B 251 -3.13 -22.48 -24.82
CA GLY B 251 -3.82 -22.16 -23.56
C GLY B 251 -4.88 -21.09 -23.73
N LEU B 252 -5.28 -20.82 -24.98
CA LEU B 252 -6.31 -19.84 -25.37
C LEU B 252 -7.29 -20.52 -26.34
N TYR B 253 -8.57 -20.20 -26.23
CA TYR B 253 -9.68 -20.83 -27.01
C TYR B 253 -10.37 -19.73 -27.82
N PRO B 254 -10.05 -19.62 -29.13
CA PRO B 254 -10.57 -18.57 -29.97
C PRO B 254 -12.08 -18.73 -30.17
N THR B 255 -12.79 -17.60 -30.19
CA THR B 255 -14.25 -17.55 -30.39
C THR B 255 -14.60 -18.13 -31.76
N LEU B 256 -15.86 -18.54 -31.95
CA LEU B 256 -16.31 -19.05 -33.26
C LEU B 256 -16.99 -17.92 -34.05
N ASN B 257 -17.66 -16.99 -33.36
CA ASN B 257 -18.31 -15.82 -33.98
C ASN B 257 -17.59 -14.57 -33.45
N ILE B 258 -17.01 -13.77 -34.33
CA ILE B 258 -16.44 -12.44 -33.97
C ILE B 258 -17.15 -11.34 -34.75
N SER B 259 -17.24 -10.16 -34.18
CA SER B 259 -17.84 -8.98 -34.84
C SER B 259 -16.87 -8.48 -35.92
N ASP B 260 -17.38 -7.93 -37.02
CA ASP B 260 -16.59 -7.31 -38.12
C ASP B 260 -15.83 -6.07 -37.61
N GLU B 261 -16.13 -5.62 -36.40
CA GLU B 261 -15.38 -4.54 -35.69
C GLU B 261 -13.94 -4.96 -35.35
N PHE B 262 -13.70 -6.25 -35.07
CA PHE B 262 -12.39 -6.78 -34.60
C PHE B 262 -11.76 -7.77 -35.59
N SER B 263 -12.40 -8.02 -36.73
CA SER B 263 -11.97 -9.05 -37.71
C SER B 263 -10.62 -8.66 -38.30
N SER B 264 -10.27 -7.37 -38.37
CA SER B 264 -8.99 -6.89 -38.93
C SER B 264 -7.81 -7.38 -38.06
N ASN B 265 -8.07 -7.79 -36.83
CA ASN B 265 -7.01 -8.14 -35.85
C ASN B 265 -6.96 -9.66 -35.61
N VAL B 266 -7.78 -10.46 -36.30
CA VAL B 266 -7.90 -11.93 -36.04
C VAL B 266 -6.54 -12.62 -36.33
N ALA B 267 -5.86 -12.31 -37.44
CA ALA B 267 -4.50 -12.84 -37.71
C ALA B 267 -3.57 -12.41 -36.57
N ASN B 268 -3.63 -11.15 -36.12
CA ASN B 268 -2.72 -10.66 -35.03
C ASN B 268 -3.05 -11.36 -33.70
N TYR B 269 -4.32 -11.56 -33.37
CA TYR B 269 -4.76 -12.24 -32.13
C TYR B 269 -4.23 -13.66 -32.16
N GLN B 270 -4.12 -14.27 -33.34
CA GLN B 270 -3.62 -15.66 -33.48
C GLN B 270 -2.13 -15.64 -33.17
N LYS B 271 -1.38 -14.74 -33.79
CA LYS B 271 0.05 -14.52 -33.47
C LYS B 271 0.20 -14.43 -31.94
N VAL B 272 -0.67 -13.67 -31.28
CA VAL B 272 -0.52 -13.46 -29.81
C VAL B 272 -0.52 -14.84 -29.11
N GLY B 273 -1.31 -15.79 -29.58
CA GLY B 273 -1.46 -17.10 -28.91
C GLY B 273 -0.36 -18.07 -29.32
N MET B 274 0.42 -17.71 -30.33
CA MET B 274 1.48 -18.57 -30.91
C MET B 274 2.89 -18.12 -30.48
N GLN B 275 3.01 -17.21 -29.49
CA GLN B 275 4.33 -16.92 -28.89
C GLN B 275 4.13 -16.44 -27.47
N LYS B 276 5.18 -16.45 -26.67
CA LYS B 276 5.08 -16.16 -25.22
C LYS B 276 4.80 -14.67 -25.02
N TYR B 277 5.42 -13.84 -25.83
CA TYR B 277 5.24 -12.38 -25.78
C TYR B 277 5.35 -11.90 -27.21
N SER B 278 4.59 -10.84 -27.47
CA SER B 278 4.43 -10.21 -28.79
C SER B 278 4.38 -8.70 -28.60
N THR B 279 4.92 -8.00 -29.58
CA THR B 279 5.04 -6.54 -29.62
C THR B 279 4.07 -6.08 -30.72
N LEU B 280 3.26 -5.08 -30.40
CA LEU B 280 2.35 -4.40 -31.36
C LEU B 280 2.73 -2.92 -31.44
N GLN B 281 3.24 -2.47 -32.58
CA GLN B 281 3.48 -1.04 -32.88
C GLN B 281 2.18 -0.45 -33.42
N GLY B 282 1.57 0.42 -32.63
CA GLY B 282 0.34 1.09 -33.07
C GLY B 282 0.59 2.58 -33.20
N PRO B 283 0.87 3.09 -34.42
CA PRO B 283 1.00 4.53 -34.62
C PRO B 283 -0.23 5.27 -34.09
N PRO B 284 -0.16 6.61 -33.93
CA PRO B 284 -1.29 7.38 -33.44
C PRO B 284 -2.60 7.08 -34.18
N GLY B 285 -3.67 6.76 -33.44
CA GLY B 285 -4.99 6.51 -34.05
C GLY B 285 -5.02 5.33 -35.00
N THR B 286 -4.30 4.25 -34.67
CA THR B 286 -4.33 3.03 -35.50
C THR B 286 -5.28 1.98 -34.89
N GLY B 287 -5.51 2.02 -33.58
CA GLY B 287 -6.48 1.11 -32.96
C GLY B 287 -5.88 0.21 -31.90
N LYS B 288 -5.08 0.77 -31.01
CA LYS B 288 -4.37 -0.03 -29.97
C LYS B 288 -5.38 -0.53 -28.92
N SER B 289 -6.19 0.35 -28.36
CA SER B 289 -7.18 -0.03 -27.31
C SER B 289 -8.25 -0.91 -27.95
N HIS B 290 -8.58 -0.63 -29.21
CA HIS B 290 -9.54 -1.49 -29.94
C HIS B 290 -8.93 -2.90 -30.03
N PHE B 291 -7.67 -2.97 -30.44
CA PHE B 291 -6.87 -4.23 -30.44
C PHE B 291 -6.93 -4.89 -29.07
N ALA B 292 -6.55 -4.16 -28.04
CA ALA B 292 -6.40 -4.67 -26.67
C ALA B 292 -7.72 -5.28 -26.18
N ILE B 293 -8.85 -4.60 -26.38
CA ILE B 293 -10.17 -5.07 -25.85
C ILE B 293 -10.66 -6.21 -26.74
N GLY B 294 -10.48 -6.06 -28.06
CA GLY B 294 -10.88 -7.09 -29.04
C GLY B 294 -10.22 -8.43 -28.79
N LEU B 295 -9.06 -8.43 -28.11
CA LEU B 295 -8.31 -9.66 -27.78
C LEU B 295 -9.15 -10.49 -26.82
N ALA B 296 -9.91 -9.83 -25.92
CA ALA B 296 -10.80 -10.48 -24.93
C ALA B 296 -11.98 -11.13 -25.63
N LEU B 297 -12.51 -10.45 -26.65
CA LEU B 297 -13.67 -10.96 -27.42
C LEU B 297 -13.23 -12.17 -28.22
N TYR B 298 -11.98 -12.16 -28.69
CA TYR B 298 -11.45 -13.27 -29.51
C TYR B 298 -11.09 -14.47 -28.63
N TYR B 299 -10.62 -14.25 -27.40
CA TYR B 299 -10.31 -15.32 -26.42
C TYR B 299 -11.25 -15.18 -25.22
N PRO B 300 -12.56 -15.44 -25.42
CA PRO B 300 -13.58 -15.01 -24.45
C PRO B 300 -13.45 -15.62 -23.05
N SER B 301 -12.78 -16.77 -22.94
CA SER B 301 -12.58 -17.52 -21.67
C SER B 301 -11.34 -16.98 -20.94
N ALA B 302 -10.44 -16.31 -21.65
CA ALA B 302 -9.10 -15.89 -21.13
C ALA B 302 -9.25 -14.85 -20.03
N ARG B 303 -8.53 -15.04 -18.94
CA ARG B 303 -8.32 -14.01 -17.89
C ARG B 303 -7.25 -13.06 -18.39
N ILE B 304 -7.57 -11.77 -18.49
CA ILE B 304 -6.64 -10.74 -19.04
C ILE B 304 -6.44 -9.67 -17.97
N VAL B 305 -5.18 -9.36 -17.69
CA VAL B 305 -4.73 -8.19 -16.88
C VAL B 305 -4.23 -7.16 -17.87
N TYR B 306 -4.89 -6.01 -17.90
CA TYR B 306 -4.54 -4.81 -18.69
C TYR B 306 -3.77 -3.89 -17.74
N THR B 307 -2.58 -3.48 -18.15
CA THR B 307 -1.68 -2.67 -17.29
C THR B 307 -1.02 -1.65 -18.18
N ALA B 308 -0.56 -0.57 -17.55
CA ALA B 308 0.19 0.56 -18.12
C ALA B 308 0.79 1.36 -16.96
N CYS B 309 1.69 2.29 -17.26
CA CYS B 309 2.41 3.05 -16.22
C CYS B 309 1.42 4.02 -15.58
N SER B 310 0.69 4.78 -16.39
CA SER B 310 -0.16 5.92 -15.95
C SER B 310 -1.59 5.45 -15.69
N HIS B 311 -2.20 6.00 -14.65
CA HIS B 311 -3.66 5.93 -14.41
C HIS B 311 -4.44 6.28 -15.69
N ALA B 312 -4.07 7.33 -16.45
CA ALA B 312 -4.80 7.77 -17.66
C ALA B 312 -4.79 6.64 -18.70
N ALA B 313 -3.64 6.01 -18.94
CA ALA B 313 -3.51 4.92 -19.93
C ALA B 313 -4.38 3.75 -19.48
N VAL B 314 -4.39 3.43 -18.20
CA VAL B 314 -5.24 2.32 -17.70
C VAL B 314 -6.71 2.71 -17.89
N ASP B 315 -7.09 3.93 -17.49
CA ASP B 315 -8.50 4.40 -17.50
C ASP B 315 -9.04 4.33 -18.94
N ALA B 316 -8.23 4.74 -19.92
CA ALA B 316 -8.58 4.65 -21.35
C ALA B 316 -8.86 3.18 -21.75
N LEU B 317 -8.11 2.22 -21.20
CA LEU B 317 -8.44 0.80 -21.50
C LEU B 317 -9.78 0.45 -20.83
N CYS B 318 -10.07 0.97 -19.64
CA CYS B 318 -11.38 0.75 -18.98
C CYS B 318 -12.50 1.38 -19.84
N GLU B 319 -12.31 2.57 -20.39
CA GLU B 319 -13.38 3.22 -21.18
C GLU B 319 -13.73 2.29 -22.34
N LYS B 320 -12.73 1.89 -23.14
CA LYS B 320 -12.94 0.96 -24.28
C LYS B 320 -13.60 -0.32 -23.74
N ALA B 321 -13.13 -0.86 -22.63
CA ALA B 321 -13.65 -2.14 -22.08
C ALA B 321 -15.14 -1.97 -21.77
N LEU B 322 -15.49 -0.84 -21.17
CA LEU B 322 -16.85 -0.54 -20.69
C LEU B 322 -17.82 -0.66 -21.87
N LYS B 323 -17.37 -0.34 -23.08
CA LYS B 323 -18.15 -0.39 -24.34
C LYS B 323 -18.30 -1.82 -24.89
N TYR B 324 -17.42 -2.78 -24.59
CA TYR B 324 -17.39 -4.08 -25.30
C TYR B 324 -17.48 -5.29 -24.36
N LEU B 325 -17.05 -5.17 -23.11
CA LEU B 325 -16.87 -6.33 -22.20
C LEU B 325 -17.88 -6.25 -21.05
N PRO B 326 -18.39 -7.39 -20.55
CA PRO B 326 -19.33 -7.38 -19.44
C PRO B 326 -18.73 -6.68 -18.22
N ILE B 327 -19.43 -5.66 -17.69
CA ILE B 327 -18.95 -4.77 -16.58
C ILE B 327 -18.67 -5.62 -15.32
N ASP B 328 -19.48 -6.62 -15.02
CA ASP B 328 -19.34 -7.42 -13.77
C ASP B 328 -18.19 -8.41 -13.91
N LYS B 329 -17.50 -8.41 -15.06
CA LYS B 329 -16.31 -9.27 -15.33
C LYS B 329 -15.05 -8.40 -15.34
N CYS B 330 -15.17 -7.11 -15.05
CA CYS B 330 -14.05 -6.15 -14.98
C CYS B 330 -13.81 -5.73 -13.54
N SER B 331 -12.57 -5.39 -13.21
CA SER B 331 -12.17 -4.75 -11.94
C SER B 331 -11.04 -3.73 -12.18
N ARG B 332 -11.19 -2.52 -11.65
CA ARG B 332 -10.13 -1.49 -11.58
C ARG B 332 -9.40 -1.64 -10.24
N ILE B 333 -8.10 -1.97 -10.28
CA ILE B 333 -7.23 -2.04 -9.06
C ILE B 333 -6.75 -0.62 -8.76
N ILE B 334 -7.05 -0.15 -7.56
CA ILE B 334 -6.66 1.19 -7.04
C ILE B 334 -5.83 0.96 -5.79
N PRO B 335 -4.61 1.55 -5.73
CA PRO B 335 -3.82 1.51 -4.50
C PRO B 335 -4.42 2.53 -3.52
N ALA B 336 -4.44 2.22 -2.22
CA ALA B 336 -4.80 3.17 -1.14
C ALA B 336 -3.64 4.15 -0.92
N VAL B 340 -5.32 9.62 -5.91
CA VAL B 340 -5.51 9.96 -7.35
C VAL B 340 -6.93 9.57 -7.78
N GLU B 341 -7.54 10.32 -8.69
CA GLU B 341 -8.93 10.08 -9.16
C GLU B 341 -8.89 9.40 -10.53
N CYS B 342 -9.36 8.15 -10.59
CA CYS B 342 -9.33 7.29 -11.79
C CYS B 342 -10.68 6.60 -11.99
N PHE B 343 -10.82 5.87 -13.08
CA PHE B 343 -12.03 5.13 -13.52
C PHE B 343 -12.76 4.49 -12.34
N ASP B 344 -14.07 4.74 -12.16
CA ASP B 344 -14.86 4.14 -11.03
C ASP B 344 -16.15 3.46 -11.50
N LYS B 345 -16.20 2.91 -12.72
CA LYS B 345 -17.41 2.16 -13.18
C LYS B 345 -17.29 0.66 -12.87
N PHE B 346 -16.10 0.14 -12.52
CA PHE B 346 -15.84 -1.31 -12.32
C PHE B 346 -15.78 -1.57 -10.81
N LYS B 347 -16.14 -2.76 -10.33
CA LYS B 347 -15.91 -3.10 -8.90
C LYS B 347 -14.42 -2.89 -8.61
N VAL B 348 -14.10 -2.28 -7.47
CA VAL B 348 -12.71 -1.84 -7.15
C VAL B 348 -12.00 -2.96 -6.42
N ASN B 349 -10.75 -3.23 -6.79
CA ASN B 349 -9.76 -4.11 -6.09
C ASN B 349 -10.28 -5.54 -5.98
N SER B 350 -10.98 -6.05 -7.00
CA SER B 350 -11.37 -7.48 -7.13
C SER B 350 -10.38 -8.18 -8.05
N THR B 351 -9.24 -8.51 -7.47
CA THR B 351 -8.07 -9.18 -8.10
C THR B 351 -8.47 -10.43 -8.88
N LEU B 352 -9.55 -11.13 -8.51
CA LEU B 352 -9.91 -12.43 -9.18
C LEU B 352 -10.95 -12.24 -10.30
N GLU B 353 -11.31 -11.01 -10.66
CA GLU B 353 -12.20 -10.75 -11.82
C GLU B 353 -11.47 -11.18 -13.11
N GLN B 354 -12.21 -11.61 -14.14
CA GLN B 354 -11.62 -12.11 -15.40
C GLN B 354 -10.81 -11.01 -16.10
N TYR B 355 -11.25 -9.74 -16.01
CA TYR B 355 -10.57 -8.56 -16.62
C TYR B 355 -10.11 -7.62 -15.52
N VAL B 356 -8.79 -7.45 -15.37
CA VAL B 356 -8.17 -6.65 -14.29
C VAL B 356 -7.40 -5.50 -14.94
N PHE B 357 -7.74 -4.27 -14.58
CA PHE B 357 -7.19 -3.00 -15.09
C PHE B 357 -6.51 -2.34 -13.89
N CYS B 358 -5.23 -2.01 -14.02
CA CYS B 358 -4.34 -1.73 -12.89
C CYS B 358 -3.04 -1.19 -13.45
N THR B 359 -2.53 -0.10 -12.86
CA THR B 359 -1.21 0.49 -13.21
C THR B 359 -0.12 -0.47 -12.70
N VAL B 360 1.07 -0.40 -13.31
CA VAL B 360 2.21 -1.29 -12.95
C VAL B 360 2.53 -1.23 -11.45
N ASN B 361 2.59 -0.04 -10.86
CA ASN B 361 3.10 0.17 -9.47
C ASN B 361 2.12 -0.47 -8.47
N ALA B 362 0.85 -0.71 -8.84
CA ALA B 362 -0.23 -1.24 -7.97
C ALA B 362 -0.52 -2.72 -8.23
N LEU B 363 0.22 -3.39 -9.11
CA LEU B 363 -0.17 -4.75 -9.57
C LEU B 363 -0.17 -5.71 -8.39
N PRO B 364 -1.20 -6.58 -8.29
CA PRO B 364 -1.12 -7.71 -7.39
C PRO B 364 -0.28 -8.86 -7.94
N GLU B 365 0.27 -9.67 -7.05
CA GLU B 365 0.81 -11.00 -7.43
C GLU B 365 -0.38 -11.84 -7.88
N THR B 366 -0.44 -12.17 -9.17
CA THR B 366 -1.50 -13.01 -9.77
C THR B 366 -0.95 -13.67 -11.03
N THR B 367 -1.69 -14.60 -11.60
CA THR B 367 -1.44 -15.14 -12.95
C THR B 367 -2.54 -14.67 -13.88
N ALA B 368 -2.37 -14.90 -15.18
CA ALA B 368 -3.36 -14.53 -16.19
C ALA B 368 -3.09 -15.37 -17.43
N ASP B 369 -4.09 -15.52 -18.28
CA ASP B 369 -3.92 -16.11 -19.62
C ASP B 369 -3.20 -15.08 -20.49
N ILE B 370 -3.63 -13.80 -20.48
CA ILE B 370 -2.92 -12.75 -21.25
C ILE B 370 -2.67 -11.53 -20.39
N VAL B 371 -1.45 -11.02 -20.43
CA VAL B 371 -1.11 -9.68 -19.90
C VAL B 371 -0.96 -8.73 -21.09
N VAL B 372 -1.73 -7.63 -21.08
CA VAL B 372 -1.61 -6.53 -22.07
C VAL B 372 -0.98 -5.35 -21.32
N PHE B 373 0.21 -4.95 -21.76
CA PHE B 373 0.97 -3.79 -21.25
C PHE B 373 0.89 -2.74 -22.35
N ASP B 374 0.11 -1.68 -22.10
CA ASP B 374 -0.16 -0.61 -23.09
C ASP B 374 0.81 0.56 -22.86
N GLU B 375 0.90 1.40 -23.87
CA GLU B 375 1.76 2.61 -23.89
C GLU B 375 3.17 2.21 -23.44
N ILE B 376 3.77 1.29 -24.18
CA ILE B 376 5.09 0.68 -23.85
C ILE B 376 6.23 1.67 -24.04
N SER B 377 6.13 2.68 -24.92
CA SER B 377 7.19 3.71 -25.09
C SER B 377 7.45 4.44 -23.75
N MET B 378 6.42 4.58 -22.91
CA MET B 378 6.50 5.31 -21.61
C MET B 378 7.07 4.41 -20.52
N ALA B 379 7.24 3.11 -20.76
CA ALA B 379 7.75 2.19 -19.72
C ALA B 379 9.25 2.34 -19.64
N THR B 380 9.76 2.17 -18.43
CA THR B 380 11.20 1.96 -18.13
C THR B 380 11.43 0.47 -17.90
N ASN B 381 12.69 0.06 -17.94
CA ASN B 381 13.08 -1.35 -17.69
C ASN B 381 12.67 -1.72 -16.28
N TYR B 382 12.64 -0.74 -15.37
CA TYR B 382 12.12 -0.93 -13.99
C TYR B 382 10.69 -1.46 -14.07
N ASP B 383 9.83 -0.75 -14.82
CA ASP B 383 8.40 -1.17 -14.98
C ASP B 383 8.35 -2.56 -15.62
N LEU B 384 9.08 -2.77 -16.71
CA LEU B 384 9.06 -4.08 -17.44
C LEU B 384 9.33 -5.22 -16.45
N SER B 385 10.27 -5.02 -15.51
CA SER B 385 10.71 -6.09 -14.58
C SER B 385 9.64 -6.31 -13.52
N VAL B 386 9.04 -5.22 -13.02
CA VAL B 386 7.99 -5.30 -11.98
C VAL B 386 6.85 -6.13 -12.53
N VAL B 387 6.45 -5.87 -13.78
CA VAL B 387 5.31 -6.60 -14.39
C VAL B 387 5.65 -8.09 -14.40
N ASN B 388 6.88 -8.44 -14.79
CA ASN B 388 7.30 -9.86 -14.92
C ASN B 388 7.32 -10.51 -13.51
N ALA B 389 7.57 -9.73 -12.45
CA ALA B 389 7.62 -10.19 -11.04
C ALA B 389 6.22 -10.40 -10.47
N ARG B 390 5.28 -9.51 -10.76
CA ARG B 390 3.89 -9.56 -10.20
C ARG B 390 3.00 -10.51 -11.02
N LEU B 391 3.13 -10.57 -12.37
CA LEU B 391 2.18 -11.30 -13.27
C LEU B 391 2.89 -12.48 -13.94
N ARG B 392 2.51 -13.71 -13.59
CA ARG B 392 2.95 -14.89 -14.35
C ARG B 392 1.83 -15.23 -15.35
N ALA B 393 2.04 -15.03 -16.64
CA ALA B 393 1.03 -15.18 -17.70
C ALA B 393 1.45 -16.18 -18.78
N LYS B 394 0.49 -16.82 -19.43
CA LYS B 394 0.76 -17.65 -20.62
C LYS B 394 1.29 -16.74 -21.73
N HIS B 395 0.74 -15.54 -21.88
CA HIS B 395 1.09 -14.62 -22.98
C HIS B 395 1.20 -13.20 -22.45
N TYR B 396 2.18 -12.45 -22.96
CA TYR B 396 2.42 -11.03 -22.67
C TYR B 396 2.30 -10.32 -24.01
N VAL B 397 1.43 -9.31 -24.10
CA VAL B 397 1.33 -8.43 -25.29
C VAL B 397 1.77 -7.02 -24.88
N TYR B 398 2.76 -6.48 -25.58
CA TYR B 398 3.32 -5.13 -25.37
C TYR B 398 2.82 -4.24 -26.50
N ILE B 399 1.97 -3.28 -26.16
CA ILE B 399 1.36 -2.33 -27.13
C ILE B 399 1.92 -0.93 -26.88
N GLY B 400 2.32 -0.27 -27.94
CA GLY B 400 2.81 1.10 -27.92
C GLY B 400 3.36 1.51 -29.27
N ASP B 401 4.27 2.47 -29.28
CA ASP B 401 4.85 3.05 -30.51
C ASP B 401 6.19 3.63 -30.14
N PRO B 402 7.33 2.99 -30.50
CA PRO B 402 8.63 3.55 -30.18
C PRO B 402 8.89 4.88 -30.91
N ALA B 403 8.00 5.27 -31.83
CA ALA B 403 8.01 6.57 -32.52
C ALA B 403 7.28 7.63 -31.70
N GLN B 404 6.76 7.23 -30.54
CA GLN B 404 6.06 8.16 -29.64
C GLN B 404 6.99 8.57 -28.50
N LEU B 405 6.46 9.14 -27.43
CA LEU B 405 7.34 9.73 -26.40
C LEU B 405 7.67 8.70 -25.33
N PRO B 406 8.92 8.75 -24.82
CA PRO B 406 9.33 7.93 -23.70
C PRO B 406 9.01 8.62 -22.37
N ALA B 407 9.03 7.88 -21.26
CA ALA B 407 8.99 8.47 -19.89
C ALA B 407 10.06 9.55 -19.77
N PRO B 408 9.78 10.66 -19.08
CA PRO B 408 10.80 11.67 -18.87
C PRO B 408 11.94 11.07 -18.04
N ARG B 409 13.16 11.39 -18.45
CA ARG B 409 14.42 11.01 -17.78
C ARG B 409 14.93 12.30 -17.12
N THR B 410 14.42 12.59 -15.94
CA THR B 410 14.63 13.87 -15.21
C THR B 410 16.12 14.18 -15.11
N LEU B 411 17.00 13.17 -15.02
CA LEU B 411 18.47 13.35 -14.85
C LEU B 411 19.19 13.56 -16.18
N LEU B 412 18.62 13.14 -17.31
CA LEU B 412 19.34 13.13 -18.60
C LEU B 412 19.26 14.55 -19.17
N THR B 413 20.42 15.20 -19.33
CA THR B 413 20.50 16.59 -19.83
C THR B 413 21.45 16.67 -21.03
N LYS B 414 22.20 15.61 -21.35
CA LYS B 414 23.29 15.64 -22.36
C LYS B 414 23.18 14.43 -23.30
N GLY B 415 22.87 14.70 -24.57
CA GLY B 415 22.63 13.69 -25.61
C GLY B 415 21.14 13.52 -25.77
N THR B 416 20.72 12.85 -26.84
CA THR B 416 19.33 12.40 -27.08
C THR B 416 19.27 10.88 -26.81
N LEU B 417 18.20 10.42 -26.15
CA LEU B 417 17.88 8.98 -26.01
C LEU B 417 17.15 8.51 -27.26
N GLU B 418 17.77 7.69 -28.12
CA GLU B 418 17.10 7.09 -29.30
C GLU B 418 16.08 6.04 -28.88
N PRO B 419 14.99 5.82 -29.66
CA PRO B 419 13.91 4.93 -29.23
C PRO B 419 14.31 3.47 -28.95
N GLU B 420 15.36 2.99 -29.61
CA GLU B 420 15.86 1.62 -29.34
C GLU B 420 16.39 1.50 -27.90
N TYR B 421 16.50 2.61 -27.17
CA TYR B 421 17.10 2.63 -25.82
C TYR B 421 16.08 3.00 -24.75
N PHE B 422 14.79 3.16 -25.10
CA PHE B 422 13.73 3.58 -24.16
C PHE B 422 13.48 2.44 -23.17
N ASN B 423 13.36 1.22 -23.64
CA ASN B 423 13.27 0.02 -22.77
C ASN B 423 13.57 -1.23 -23.62
N SER B 424 13.62 -2.42 -23.00
CA SER B 424 13.90 -3.72 -23.68
C SER B 424 12.88 -3.94 -24.81
N VAL B 425 11.60 -3.62 -24.58
CA VAL B 425 10.54 -3.85 -25.60
C VAL B 425 10.84 -2.95 -26.80
N CYS B 426 11.14 -1.68 -26.60
CA CYS B 426 11.36 -0.75 -27.73
C CYS B 426 12.66 -1.14 -28.44
N ARG B 427 13.62 -1.63 -27.68
CA ARG B 427 14.88 -2.16 -28.28
C ARG B 427 14.48 -3.21 -29.33
N LEU B 428 13.74 -4.24 -28.94
CA LEU B 428 13.30 -5.25 -29.92
C LEU B 428 12.60 -4.58 -31.10
N MET B 429 11.59 -3.73 -30.86
CA MET B 429 10.77 -3.18 -31.98
C MET B 429 11.67 -2.45 -32.97
N LYS B 430 12.76 -1.84 -32.52
CA LYS B 430 13.64 -1.03 -33.42
C LYS B 430 14.74 -1.89 -34.07
N THR B 431 15.09 -3.04 -33.49
CA THR B 431 16.21 -3.89 -33.98
C THR B 431 15.66 -5.04 -34.83
N ILE B 432 14.86 -5.96 -34.27
CA ILE B 432 14.22 -7.09 -35.02
C ILE B 432 12.86 -6.67 -35.56
N GLY B 433 12.35 -5.47 -35.20
CA GLY B 433 11.04 -4.98 -35.67
C GLY B 433 9.88 -5.50 -34.81
N PRO B 434 8.67 -4.93 -34.97
CA PRO B 434 7.54 -5.36 -34.16
C PRO B 434 6.88 -6.62 -34.72
N ASP B 435 6.34 -7.47 -33.84
CA ASP B 435 5.60 -8.68 -34.27
C ASP B 435 4.37 -8.25 -35.06
N MET B 436 3.72 -7.16 -34.62
CA MET B 436 2.44 -6.73 -35.22
C MET B 436 2.43 -5.22 -35.41
N PHE B 437 1.85 -4.76 -36.51
CA PHE B 437 1.83 -3.33 -36.88
C PHE B 437 0.41 -2.95 -37.29
N LEU B 438 -0.17 -1.94 -36.63
CA LEU B 438 -1.45 -1.33 -37.04
C LEU B 438 -1.14 -0.28 -38.12
N GLY B 439 -1.40 -0.58 -39.39
CA GLY B 439 -0.84 0.16 -40.54
C GLY B 439 -1.81 1.19 -41.08
N THR B 440 -3.02 1.28 -40.55
CA THR B 440 -3.98 2.31 -41.04
C THR B 440 -4.37 3.32 -39.95
N CYS B 441 -4.00 4.57 -40.17
CA CYS B 441 -4.35 5.71 -39.29
C CYS B 441 -5.76 6.18 -39.66
N ARG B 442 -6.70 6.08 -38.73
CA ARG B 442 -8.12 6.48 -38.87
C ARG B 442 -8.29 7.96 -38.52
N ARG B 443 -7.40 8.50 -37.71
CA ARG B 443 -7.69 9.86 -37.17
C ARG B 443 -7.17 11.05 -37.98
N CYS B 444 -6.09 10.90 -38.74
CA CYS B 444 -5.42 12.12 -39.24
C CYS B 444 -5.71 12.35 -40.72
N PRO B 445 -5.80 13.64 -41.14
CA PRO B 445 -5.76 14.01 -42.55
C PRO B 445 -4.56 13.36 -43.25
N ALA B 446 -4.68 13.00 -44.53
CA ALA B 446 -3.63 12.21 -45.23
C ALA B 446 -2.33 13.01 -45.24
N GLU B 447 -2.38 14.34 -45.29
CA GLU B 447 -1.13 15.16 -45.34
C GLU B 447 -0.24 14.84 -44.12
N ILE B 448 -0.86 14.64 -42.96
CA ILE B 448 -0.18 14.41 -41.66
C ILE B 448 0.28 12.96 -41.68
N VAL B 449 -0.59 12.07 -42.14
CA VAL B 449 -0.26 10.61 -42.19
C VAL B 449 0.96 10.45 -43.13
N ASP B 450 0.96 11.13 -44.27
CA ASP B 450 2.06 10.96 -45.25
C ASP B 450 3.34 11.48 -44.59
N THR B 451 3.23 12.54 -43.78
CA THR B 451 4.41 13.21 -43.21
C THR B 451 5.06 12.25 -42.21
N VAL B 452 4.28 11.66 -41.31
CA VAL B 452 4.88 10.87 -40.20
C VAL B 452 5.22 9.47 -40.71
N SER B 453 4.45 8.95 -41.66
CA SER B 453 4.80 7.70 -42.38
C SER B 453 6.27 7.76 -42.81
N ALA B 454 6.63 8.76 -43.62
CA ALA B 454 8.01 9.01 -44.11
C ALA B 454 8.92 9.35 -42.94
N LEU B 455 8.41 10.10 -41.97
CA LEU B 455 9.28 10.70 -40.93
C LEU B 455 9.77 9.58 -40.02
N VAL B 456 8.91 8.65 -39.61
CA VAL B 456 9.24 7.70 -38.51
C VAL B 456 8.74 6.26 -38.72
N TYR B 457 7.96 5.95 -39.76
CA TYR B 457 7.36 4.60 -39.94
C TYR B 457 7.78 3.94 -41.25
N ASP B 458 8.91 4.34 -41.86
CA ASP B 458 9.40 3.72 -43.13
C ASP B 458 8.28 3.56 -44.16
N ASN B 459 7.39 4.55 -44.30
CA ASN B 459 6.38 4.65 -45.39
C ASN B 459 5.41 3.47 -45.30
N LYS B 460 5.23 2.91 -44.10
CA LYS B 460 4.30 1.79 -43.86
C LYS B 460 2.99 2.29 -43.28
N LEU B 461 2.87 3.57 -42.90
CA LEU B 461 1.59 4.03 -42.30
C LEU B 461 0.74 4.61 -43.41
N LYS B 462 -0.51 4.14 -43.53
CA LYS B 462 -1.45 4.49 -44.62
C LYS B 462 -2.58 5.35 -44.05
N ALA B 463 -3.08 6.32 -44.82
CA ALA B 463 -4.18 7.22 -44.42
C ALA B 463 -5.50 6.55 -44.74
N HIS B 464 -6.41 6.49 -43.78
CA HIS B 464 -7.85 6.20 -43.99
C HIS B 464 -8.53 7.45 -44.57
N LYS B 465 -8.36 8.60 -43.94
CA LYS B 465 -8.98 9.86 -44.40
C LYS B 465 -8.30 10.31 -45.70
N ASP B 466 -9.01 11.12 -46.48
CA ASP B 466 -8.45 11.92 -47.59
C ASP B 466 -7.60 13.07 -47.04
N LYS B 467 -6.90 13.77 -47.93
CA LYS B 467 -6.34 15.11 -47.65
C LYS B 467 -7.49 15.97 -47.12
N SER B 468 -7.24 16.74 -46.05
CA SER B 468 -8.20 17.73 -45.50
C SER B 468 -8.07 19.04 -46.28
N ALA B 469 -6.92 19.29 -46.87
CA ALA B 469 -6.54 20.59 -47.46
C ALA B 469 -6.51 21.65 -46.35
N GLN B 470 -6.54 21.23 -45.10
CA GLN B 470 -6.54 22.14 -43.93
C GLN B 470 -5.23 21.97 -43.13
N CYS B 471 -4.13 21.64 -43.81
CA CYS B 471 -2.81 21.39 -43.16
C CYS B 471 -1.84 22.43 -43.69
N PHE B 472 -1.37 23.32 -42.82
CA PHE B 472 -0.58 24.51 -43.20
C PHE B 472 0.70 24.55 -42.36
N LYS B 473 1.74 25.13 -42.95
CA LYS B 473 3.05 25.35 -42.29
C LYS B 473 3.52 26.75 -42.64
N MET B 474 4.06 27.44 -41.65
N MET B 474 4.13 27.40 -41.65
CA MET B 474 4.82 28.70 -41.83
CA MET B 474 4.80 28.72 -41.80
C MET B 474 6.24 28.46 -41.32
C MET B 474 6.22 28.58 -41.25
N PHE B 475 7.21 29.06 -42.01
CA PHE B 475 8.61 29.16 -41.54
C PHE B 475 8.77 30.52 -40.90
N TYR B 476 8.88 30.58 -39.58
CA TYR B 476 8.98 31.85 -38.82
C TYR B 476 9.75 31.62 -37.52
N LYS B 477 10.97 32.15 -37.47
CA LYS B 477 11.90 31.93 -36.33
C LYS B 477 11.53 32.85 -35.17
N GLY B 478 10.97 34.01 -35.47
CA GLY B 478 10.45 34.93 -34.44
C GLY B 478 11.55 35.38 -33.49
N VAL B 479 11.25 35.40 -32.19
CA VAL B 479 12.19 35.84 -31.13
C VAL B 479 12.04 34.87 -29.95
N ILE B 480 13.13 34.22 -29.57
CA ILE B 480 13.12 33.29 -28.42
C ILE B 480 13.56 34.07 -27.19
N THR B 481 12.76 34.01 -26.14
CA THR B 481 13.12 34.46 -24.79
C THR B 481 13.15 33.20 -23.92
N HIS B 482 13.98 33.24 -22.88
CA HIS B 482 14.21 32.12 -21.94
C HIS B 482 13.78 32.64 -20.57
N ASP B 483 13.00 31.85 -19.84
CA ASP B 483 12.87 32.02 -18.37
C ASP B 483 13.64 30.87 -17.72
N VAL B 484 13.33 30.57 -16.45
CA VAL B 484 14.21 29.74 -15.56
C VAL B 484 14.40 28.35 -16.17
N SER B 485 13.40 27.77 -16.85
CA SER B 485 13.43 26.37 -17.32
C SER B 485 12.54 26.13 -18.55
N SER B 486 12.34 27.13 -19.42
CA SER B 486 11.37 27.07 -20.54
C SER B 486 11.69 28.12 -21.61
N ALA B 487 11.04 28.06 -22.76
CA ALA B 487 11.20 29.04 -23.86
C ALA B 487 9.86 29.67 -24.23
N ILE B 488 9.93 30.85 -24.80
CA ILE B 488 8.76 31.62 -25.28
C ILE B 488 9.13 32.18 -26.65
N ASN B 489 8.18 32.17 -27.58
CA ASN B 489 8.32 32.82 -28.89
C ASN B 489 7.04 33.63 -29.15
N ARG B 490 7.00 34.85 -28.62
CA ARG B 490 5.80 35.75 -28.68
C ARG B 490 5.49 36.06 -30.14
N PRO B 491 6.48 36.38 -30.98
CA PRO B 491 6.16 36.58 -32.39
C PRO B 491 5.50 35.36 -33.05
N GLN B 492 5.84 34.11 -32.69
CA GLN B 492 5.14 32.92 -33.28
C GLN B 492 3.68 32.90 -32.80
N ILE B 493 3.44 33.32 -31.57
CA ILE B 493 2.06 33.47 -31.03
C ILE B 493 1.38 34.63 -31.76
N GLY B 494 2.07 35.75 -31.95
CA GLY B 494 1.52 36.87 -32.76
C GLY B 494 1.06 36.39 -34.13
N VAL B 495 1.88 35.59 -34.81
CA VAL B 495 1.56 35.08 -36.17
C VAL B 495 0.26 34.27 -36.06
N VAL B 496 0.10 33.49 -34.99
CA VAL B 496 -1.13 32.67 -34.78
C VAL B 496 -2.31 33.61 -34.59
N ARG B 497 -2.14 34.69 -33.82
CA ARG B 497 -3.19 35.70 -33.55
C ARG B 497 -3.69 36.26 -34.89
N GLU B 498 -2.77 36.65 -35.77
CA GLU B 498 -3.11 37.24 -37.09
C GLU B 498 -3.84 36.18 -37.92
N PHE B 499 -3.42 34.93 -37.83
CA PHE B 499 -4.02 33.82 -38.60
C PHE B 499 -5.47 33.61 -38.13
N LEU B 500 -5.72 33.65 -36.81
CA LEU B 500 -7.05 33.38 -36.21
C LEU B 500 -8.02 34.48 -36.66
N THR B 501 -7.58 35.74 -36.75
CA THR B 501 -8.45 36.90 -37.11
C THR B 501 -8.93 36.71 -38.56
N ARG B 502 -8.12 36.13 -39.41
CA ARG B 502 -8.46 35.78 -40.81
C ARG B 502 -9.08 34.37 -40.93
N ASN B 503 -9.14 33.54 -39.87
CA ASN B 503 -9.51 32.10 -39.95
C ASN B 503 -10.28 31.72 -38.70
N PRO B 504 -11.35 32.46 -38.36
CA PRO B 504 -12.12 32.22 -37.13
C PRO B 504 -12.57 30.78 -36.86
N ALA B 505 -12.80 29.95 -37.88
CA ALA B 505 -13.16 28.52 -37.67
C ALA B 505 -12.17 27.90 -36.68
N TRP B 506 -10.91 28.34 -36.74
CA TRP B 506 -9.74 27.75 -36.03
C TRP B 506 -9.71 28.16 -34.56
N ARG B 507 -10.69 28.93 -34.09
CA ARG B 507 -10.79 29.36 -32.68
C ARG B 507 -11.22 28.15 -31.85
N LYS B 508 -11.62 27.06 -32.47
CA LYS B 508 -11.88 25.80 -31.71
C LYS B 508 -10.59 24.96 -31.59
N ALA B 509 -9.47 25.41 -32.16
CA ALA B 509 -8.18 24.68 -32.14
C ALA B 509 -7.64 24.53 -30.70
N VAL B 510 -6.93 23.44 -30.49
CA VAL B 510 -6.02 23.29 -29.34
C VAL B 510 -4.69 23.90 -29.71
N PHE B 511 -4.04 24.57 -28.77
CA PHE B 511 -2.68 25.15 -28.96
C PHE B 511 -1.67 24.18 -28.37
N ILE B 512 -0.66 23.84 -29.15
CA ILE B 512 0.37 22.86 -28.71
C ILE B 512 1.73 23.48 -28.97
N SER B 513 2.62 23.34 -27.99
CA SER B 513 4.04 23.73 -28.17
C SER B 513 4.91 22.79 -27.35
N PRO B 514 6.22 22.74 -27.60
CA PRO B 514 7.11 21.95 -26.77
C PRO B 514 7.38 22.53 -25.38
N TYR B 515 6.88 23.71 -25.05
CA TYR B 515 7.24 24.41 -23.79
C TYR B 515 6.00 24.96 -23.10
N ASN B 516 5.83 24.71 -21.80
CA ASN B 516 4.62 25.18 -21.07
C ASN B 516 4.70 26.69 -20.81
N SER B 517 5.86 27.34 -20.87
CA SER B 517 5.92 28.81 -20.81
C SER B 517 5.30 29.39 -22.07
N GLN B 518 5.65 28.85 -23.23
CA GLN B 518 5.06 29.26 -24.52
C GLN B 518 3.54 29.11 -24.39
N ASN B 519 3.10 27.96 -23.86
CA ASN B 519 1.69 27.58 -23.67
C ASN B 519 1.01 28.64 -22.80
N ALA B 520 1.60 29.01 -21.65
CA ALA B 520 1.05 29.98 -20.67
C ALA B 520 0.81 31.33 -21.34
N VAL B 521 1.82 31.79 -22.10
CA VAL B 521 1.69 33.07 -22.84
C VAL B 521 0.58 32.94 -23.89
N ALA B 522 0.56 31.84 -24.68
CA ALA B 522 -0.44 31.63 -25.74
C ALA B 522 -1.86 31.60 -25.13
N SER B 523 -2.00 31.06 -23.93
CA SER B 523 -3.31 30.89 -23.28
C SER B 523 -3.94 32.26 -23.04
N LYS B 524 -3.15 33.16 -22.47
CA LYS B 524 -3.52 34.58 -22.20
C LYS B 524 -3.83 35.25 -23.56
N ILE B 525 -2.94 35.15 -24.55
CA ILE B 525 -3.02 36.01 -25.77
C ILE B 525 -4.07 35.48 -26.77
N LEU B 526 -4.24 34.15 -26.88
CA LEU B 526 -5.13 33.51 -27.88
C LEU B 526 -6.41 33.02 -27.20
N GLY B 527 -6.34 32.61 -25.94
CA GLY B 527 -7.48 31.95 -25.28
C GLY B 527 -7.81 30.58 -25.81
N LEU B 528 -6.96 29.96 -26.62
CA LEU B 528 -7.12 28.53 -26.96
C LEU B 528 -6.74 27.67 -25.75
N PRO B 529 -7.37 26.48 -25.58
CA PRO B 529 -6.86 25.48 -24.65
C PRO B 529 -5.45 25.09 -25.13
N THR B 530 -4.54 24.89 -24.18
CA THR B 530 -3.13 24.54 -24.45
C THR B 530 -2.80 23.17 -23.84
N GLN B 531 -1.84 22.49 -24.48
CA GLN B 531 -1.21 21.20 -24.11
C GLN B 531 0.27 21.28 -24.49
N THR B 532 1.15 20.72 -23.66
CA THR B 532 2.51 20.40 -24.13
C THR B 532 2.37 19.22 -25.09
N VAL B 533 3.28 19.06 -26.03
CA VAL B 533 3.28 17.86 -26.89
C VAL B 533 3.17 16.65 -25.97
N ASP B 534 3.94 16.69 -24.86
CA ASP B 534 4.15 15.53 -23.96
C ASP B 534 2.81 15.26 -23.25
N SER B 535 2.01 16.27 -22.92
CA SER B 535 0.69 16.05 -22.26
C SER B 535 -0.40 15.80 -23.30
N SER B 536 -0.13 16.01 -24.60
CA SER B 536 -1.08 15.79 -25.71
C SER B 536 -1.07 14.32 -26.14
N GLN B 537 -0.06 13.54 -25.75
CA GLN B 537 0.07 12.12 -26.18
C GLN B 537 -1.16 11.30 -25.76
N GLY B 538 -1.87 10.74 -26.74
CA GLY B 538 -3.08 9.93 -26.44
C GLY B 538 -4.34 10.69 -26.78
N SER B 539 -4.30 12.02 -26.71
CA SER B 539 -5.49 12.86 -26.98
C SER B 539 -5.61 13.15 -28.48
N GLU B 540 -6.83 13.44 -28.94
CA GLU B 540 -7.01 13.99 -30.31
C GLU B 540 -7.93 15.19 -30.24
N TYR B 541 -7.84 16.03 -31.27
CA TYR B 541 -8.60 17.29 -31.44
C TYR B 541 -8.73 17.56 -32.94
N ASP B 542 -9.86 18.13 -33.36
CA ASP B 542 -10.17 18.44 -34.78
C ASP B 542 -9.07 19.35 -35.33
N TYR B 543 -8.76 20.43 -34.61
CA TYR B 543 -7.83 21.48 -35.09
C TYR B 543 -6.74 21.69 -34.07
N VAL B 544 -5.50 21.73 -34.54
CA VAL B 544 -4.31 21.89 -33.66
C VAL B 544 -3.53 23.06 -34.25
N ILE B 545 -3.13 23.99 -33.39
CA ILE B 545 -2.14 25.03 -33.79
C ILE B 545 -0.85 24.75 -33.02
N PHE B 546 0.25 24.51 -33.73
CA PHE B 546 1.55 24.12 -33.15
C PHE B 546 2.53 25.24 -33.45
N THR B 547 3.14 25.82 -32.42
CA THR B 547 4.33 26.70 -32.53
C THR B 547 5.57 25.94 -32.03
N GLN B 548 6.52 25.66 -32.92
CA GLN B 548 7.75 24.96 -32.52
C GLN B 548 8.50 25.77 -31.45
N THR B 549 8.35 27.10 -31.41
CA THR B 549 8.95 28.00 -30.36
C THR B 549 10.48 28.14 -30.53
N THR B 550 11.22 27.02 -30.53
CA THR B 550 12.71 27.00 -30.65
C THR B 550 13.14 25.98 -31.72
N GLU B 551 14.44 25.95 -31.99
CA GLU B 551 15.10 25.04 -32.96
C GLU B 551 16.06 24.12 -32.22
N THR B 552 15.76 23.77 -30.97
CA THR B 552 16.61 22.94 -30.07
C THR B 552 16.45 21.45 -30.39
N ALA B 553 17.24 20.60 -29.71
CA ALA B 553 17.10 19.14 -29.76
C ALA B 553 15.72 18.78 -29.23
N HIS B 554 15.29 19.45 -28.16
CA HIS B 554 13.98 19.20 -27.52
C HIS B 554 12.86 19.44 -28.54
N SER B 555 12.89 20.57 -29.24
CA SER B 555 11.74 20.96 -30.07
C SER B 555 11.82 20.31 -31.46
N CYS B 556 12.98 19.72 -31.82
CA CYS B 556 13.20 19.03 -33.11
C CYS B 556 13.13 17.50 -32.92
N ASN B 557 12.91 17.00 -31.70
CA ASN B 557 12.94 15.53 -31.46
C ASN B 557 11.83 14.93 -32.33
N VAL B 558 12.17 13.96 -33.20
CA VAL B 558 11.25 13.51 -34.26
C VAL B 558 10.06 12.83 -33.57
N ASN B 559 10.26 12.14 -32.46
CA ASN B 559 9.14 11.48 -31.73
C ASN B 559 8.15 12.54 -31.23
N ARG B 560 8.65 13.65 -30.69
CA ARG B 560 7.83 14.75 -30.16
C ARG B 560 7.06 15.36 -31.33
N PHE B 561 7.74 15.58 -32.43
CA PHE B 561 7.12 16.20 -33.61
C PHE B 561 6.00 15.27 -34.07
N ASN B 562 6.30 13.97 -34.18
CA ASN B 562 5.35 12.90 -34.57
C ASN B 562 4.06 13.02 -33.74
N VAL B 563 4.20 13.06 -32.42
CA VAL B 563 3.04 13.17 -31.47
C VAL B 563 2.32 14.49 -31.69
N ALA B 564 3.08 15.57 -31.97
CA ALA B 564 2.54 16.94 -31.96
C ALA B 564 1.50 17.02 -33.09
N ILE B 565 1.91 16.66 -34.29
CA ILE B 565 1.09 16.86 -35.52
C ILE B 565 0.03 15.76 -35.67
N THR B 566 0.14 14.60 -35.01
CA THR B 566 -0.81 13.46 -35.14
C THR B 566 -1.92 13.58 -34.09
N ARG B 567 -2.05 14.73 -33.43
CA ARG B 567 -3.19 14.94 -32.50
C ARG B 567 -4.35 15.54 -33.29
N ALA B 568 -4.16 15.85 -34.57
CA ALA B 568 -5.20 16.52 -35.40
C ALA B 568 -6.04 15.48 -36.16
N LYS B 569 -7.37 15.66 -36.14
CA LYS B 569 -8.37 14.90 -36.94
C LYS B 569 -8.67 15.59 -38.29
N VAL B 570 -8.60 16.91 -38.35
CA VAL B 570 -9.10 17.69 -39.52
C VAL B 570 -8.03 18.63 -40.08
N GLY B 571 -7.54 19.56 -39.27
CA GLY B 571 -6.56 20.56 -39.75
C GLY B 571 -5.51 20.85 -38.71
N ILE B 572 -4.34 21.32 -39.15
CA ILE B 572 -3.20 21.73 -38.27
C ILE B 572 -2.55 22.94 -38.90
N LEU B 573 -2.06 23.84 -38.05
CA LEU B 573 -1.18 24.95 -38.45
C LEU B 573 0.14 24.75 -37.72
N CYS B 574 1.25 24.56 -38.42
CA CYS B 574 2.59 24.48 -37.76
C CYS B 574 3.37 25.76 -38.04
N ILE B 575 3.63 26.56 -37.02
CA ILE B 575 4.61 27.68 -37.10
C ILE B 575 5.96 27.06 -36.71
N MET B 576 6.86 26.90 -37.68
CA MET B 576 8.12 26.12 -37.53
C MET B 576 9.30 27.07 -37.37
N SER B 577 10.28 26.66 -36.57
CA SER B 577 11.61 27.27 -36.37
C SER B 577 12.65 26.52 -37.20
N ASP B 578 12.47 25.21 -37.33
CA ASP B 578 13.46 24.28 -37.91
C ASP B 578 13.17 24.13 -39.41
N ARG B 579 14.11 24.54 -40.27
CA ARG B 579 14.02 24.38 -41.74
C ARG B 579 13.86 22.91 -42.10
N ASP B 580 14.55 22.00 -41.41
CA ASP B 580 14.55 20.54 -41.70
C ASP B 580 13.11 20.03 -41.54
N LEU B 581 12.55 20.06 -40.34
CA LEU B 581 11.19 19.53 -40.08
C LEU B 581 10.16 20.31 -40.91
N TYR B 582 10.34 21.61 -41.11
CA TYR B 582 9.45 22.41 -41.97
C TYR B 582 9.40 21.76 -43.35
N ASP B 583 10.57 21.47 -43.91
CA ASP B 583 10.73 20.93 -45.30
C ASP B 583 10.12 19.54 -45.38
N LYS B 584 10.09 18.77 -44.29
CA LYS B 584 9.49 17.42 -44.24
C LYS B 584 7.96 17.48 -44.08
N LEU B 585 7.37 18.60 -43.63
CA LEU B 585 5.89 18.75 -43.52
C LEU B 585 5.29 18.81 -44.94
N GLN B 586 4.41 17.86 -45.25
CA GLN B 586 3.70 17.76 -46.55
C GLN B 586 2.39 18.54 -46.40
N PHE B 587 2.54 19.82 -46.17
CA PHE B 587 1.45 20.77 -45.83
C PHE B 587 1.56 21.91 -46.81
N THR B 588 0.47 22.64 -46.99
CA THR B 588 0.43 23.88 -47.76
C THR B 588 1.26 24.93 -47.01
N SER B 589 2.24 25.54 -47.66
CA SER B 589 3.01 26.63 -47.03
C SER B 589 2.21 27.93 -47.14
N LEU B 590 2.21 28.75 -46.07
CA LEU B 590 1.60 30.10 -46.01
C LEU B 590 2.74 31.12 -45.95
N GLU B 591 2.56 32.30 -46.56
CA GLU B 591 3.50 33.44 -46.43
C GLU B 591 3.33 34.02 -45.02
N ILE B 592 4.34 34.75 -44.52
CA ILE B 592 4.32 35.52 -43.24
C ILE B 592 3.72 36.91 -43.52
N PRO B 593 2.69 37.36 -42.77
CA PRO B 593 2.25 38.75 -42.84
C PRO B 593 3.27 39.81 -42.35
#